data_8ZGT
#
_entry.id   8ZGT
#
_cell.length_a   1.00
_cell.length_b   1.00
_cell.length_c   1.00
_cell.angle_alpha   90.00
_cell.angle_beta   90.00
_cell.angle_gamma   90.00
#
_symmetry.space_group_name_H-M   'P 1'
#
loop_
_entity.id
_entity.type
_entity.pdbx_description
1 polymer 'High affinity immunoglobulin epsilon receptor subunit alpha'
2 polymer 'High affinity immunoglobulin epsilon receptor subunit beta'
3 polymer 'High affinity immunoglobulin epsilon receptor subunit gamma'
4 polymer 'Immunoglobulin heavy constant epsilon'
5 branched beta-D-mannopyranose-(1-4)-2-acetamido-2-deoxy-beta-D-glucopyranose-(1-4)-2-acetamido-2-deoxy-beta-D-glucopyranose
6 branched 2-acetamido-2-deoxy-beta-D-glucopyranose-(1-4)-2-acetamido-2-deoxy-beta-D-glucopyranose
7 non-polymer 2-acetamido-2-deoxy-beta-D-glucopyranose
8 non-polymer 'CHOLESTEROL HEMISUCCINATE'
#
loop_
_entity_poly.entity_id
_entity_poly.type
_entity_poly.pdbx_seq_one_letter_code
_entity_poly.pdbx_strand_id
1 'polypeptide(L)'
;MDTGGSARLCLALVLISLGVMLTATQKSVVSLDPPWIRILTGDKVTLICNGNNSSQMNSTKWIHNDSISNVKSSHWVIVS
ATIQDSGKYICQKQGFYKSKPVYLNVMQEWLLLQSSADVVLDNGSFDIRCRSWKKWKVHKVIYYKDDIAFKYSYDSNNIS
IRKATFNDSGSYHCTGYLNKVECKSDKFSIAVVKDYTIEYRWLQLIFPSLAVILFAVDTGLWFSTHKQFESILKIQKTGK
GKKKG
;
A
2 'polypeptide(L)'
;MDTENKSRADLALPNPQESPSAPDIELLEASPPAKALPEKPASPPPQQTWQSFLKKELEFLGVTQVLVGLICLCFGTVVC
STLQTSDFDDEVLLLYRAGYPFWGAVLFVLSGFLSIMSERKNTLYLVRGSLGANIVSSIAAGLGIAILILNLSNNSAYMN
YCKDITEDDGCFVTSFITELVLMLLFLTILAFCSAVLLIIYRIGQEFERSKVPDDRLYEELHVYSPIYSALEDTREASAP
VVS
;
B
3 'polypeptide(L)'
;MIPAVILFLLLLVEEAAALGEPQLCYILDAILFLYGIVLTLLYCRLKIQVRKADIASREKSDAVYTGLNTRNQETYETLK
HEKPPQ
;
C,G
4 'polypeptide(L)'
;MSVPTQVLGLLLLWLTDARCDIARPVNITKPTVDLLHSSCDPNAFHSTIQLYCFVYGHIQNDVSIHWLMDDRKIYETHAQ
NVLIKEEGKLASTYSRLNITQQQWMSESTFTCKVTSQGENYWAHTRRCSDDEPRGVITYLIPPSPLDLYENGTPKLTCLV
LDLESEENITVTWVRERKKSIGSASQRSTKHHNATTSITSILPVDAKDWIEGEGYQCRVDHPHFPKPIVRSITKAPGKRS
APEVYVFLPPEEEEKDKRTLTCLIQNFFPEDISVQWLQDSKLIPKSQHSTTTPLKYNGSNQRFFIFSRLEVTKALWTQTK
QFTCRVIHEALREPRKLERTISKSLGNTSLRPSQASMHHHHHHSRVDYKDDDDK
;
E,F
#
# COMPACT_ATOMS: atom_id res chain seq x y z
N THR A 25 38.55 -16.81 -19.46
CA THR A 25 39.49 -16.70 -18.35
C THR A 25 38.77 -16.91 -17.00
N GLN A 26 38.25 -15.86 -16.39
CA GLN A 26 37.66 -15.96 -15.06
C GLN A 26 36.21 -16.42 -15.20
N LYS A 27 35.47 -16.45 -14.08
CA LYS A 27 34.05 -16.71 -14.12
C LYS A 27 33.31 -15.55 -14.79
N SER A 28 32.27 -15.89 -15.55
CA SER A 28 31.46 -14.88 -16.19
C SER A 28 30.59 -14.16 -15.16
N VAL A 29 30.15 -12.96 -15.52
CA VAL A 29 29.27 -12.16 -14.68
C VAL A 29 28.04 -11.79 -15.50
N VAL A 30 26.86 -12.12 -14.99
CA VAL A 30 25.60 -11.77 -15.64
C VAL A 30 24.98 -10.58 -14.92
N SER A 31 24.61 -9.56 -15.69
CA SER A 31 24.08 -8.32 -15.13
C SER A 31 22.88 -7.87 -15.93
N LEU A 32 22.00 -7.11 -15.28
CA LEU A 32 20.82 -6.55 -15.93
C LEU A 32 21.05 -5.07 -16.25
N ASP A 33 20.68 -4.68 -17.46
CA ASP A 33 20.87 -3.28 -17.86
C ASP A 33 19.78 -2.37 -17.28
N PRO A 34 18.51 -2.77 -17.18
CA PRO A 34 17.65 -2.22 -16.11
C PRO A 34 17.78 -3.05 -14.84
N PRO A 35 18.73 -2.72 -13.94
CA PRO A 35 19.17 -3.68 -12.92
C PRO A 35 18.18 -3.99 -11.79
N TRP A 36 16.93 -3.58 -11.92
CA TRP A 36 15.89 -3.93 -10.95
C TRP A 36 15.61 -5.43 -11.02
N ILE A 37 15.62 -6.10 -9.86
CA ILE A 37 15.37 -7.54 -9.82
C ILE A 37 13.89 -7.87 -9.69
N ARG A 38 13.04 -6.87 -9.49
CA ARG A 38 11.59 -7.04 -9.47
C ARG A 38 10.99 -6.11 -10.50
N ILE A 39 10.26 -6.66 -11.47
CA ILE A 39 9.66 -5.89 -12.54
C ILE A 39 8.20 -6.31 -12.69
N LEU A 40 7.46 -5.53 -13.47
CA LEU A 40 6.07 -5.81 -13.80
C LEU A 40 5.98 -6.36 -15.22
N THR A 41 4.78 -6.83 -15.57
CA THR A 41 4.55 -7.38 -16.90
C THR A 41 4.55 -6.26 -17.95
N GLY A 42 5.16 -6.55 -19.10
CA GLY A 42 5.30 -5.57 -20.15
C GLY A 42 6.56 -4.73 -20.07
N ASP A 43 7.33 -4.87 -18.99
CA ASP A 43 8.57 -4.13 -18.84
C ASP A 43 9.67 -4.73 -19.74
N LYS A 44 10.63 -3.90 -20.10
CA LYS A 44 11.77 -4.31 -20.91
C LYS A 44 12.96 -4.57 -20.01
N VAL A 45 13.59 -5.74 -20.17
CA VAL A 45 14.79 -6.10 -19.41
C VAL A 45 15.77 -6.73 -20.38
N THR A 46 17.05 -6.33 -20.25
CA THR A 46 18.12 -6.83 -21.09
C THR A 46 19.12 -7.59 -20.22
N LEU A 47 19.34 -8.86 -20.54
CA LEU A 47 20.32 -9.67 -19.83
C LEU A 47 21.65 -9.61 -20.56
N ILE A 48 22.71 -9.35 -19.81
CA ILE A 48 24.06 -9.19 -20.36
C ILE A 48 24.96 -10.25 -19.77
N CYS A 49 25.87 -10.79 -20.60
CA CYS A 49 26.99 -11.61 -20.16
C CYS A 49 28.13 -10.71 -19.67
N ASN A 50 29.37 -11.22 -19.68
CA ASN A 50 30.58 -10.72 -19.00
C ASN A 50 30.79 -9.21 -19.04
N GLY A 51 30.28 -8.53 -20.05
CA GLY A 51 30.13 -7.09 -19.99
C GLY A 51 30.82 -6.28 -21.07
N ASN A 52 30.01 -5.78 -21.99
CA ASN A 52 30.34 -4.85 -23.06
C ASN A 52 29.02 -4.42 -23.68
N ASN A 53 29.08 -3.48 -24.62
CA ASN A 53 27.91 -3.13 -25.42
C ASN A 53 28.17 -3.63 -26.84
N SER A 54 27.94 -4.93 -27.03
CA SER A 54 28.11 -5.57 -28.34
C SER A 54 27.29 -6.86 -28.31
N SER A 55 26.13 -6.83 -28.96
CA SER A 55 25.29 -8.02 -29.05
C SER A 55 25.91 -8.95 -30.09
N GLN A 56 26.81 -9.81 -29.62
CA GLN A 56 27.56 -10.70 -30.51
C GLN A 56 26.66 -11.81 -31.05
N MET A 57 27.11 -12.41 -32.15
CA MET A 57 26.35 -13.42 -32.86
C MET A 57 26.90 -14.80 -32.55
N ASN A 58 26.14 -15.57 -31.75
CA ASN A 58 26.39 -16.97 -31.42
C ASN A 58 27.75 -17.18 -30.75
N SER A 59 27.91 -16.57 -29.58
CA SER A 59 29.13 -16.73 -28.80
C SER A 59 28.89 -16.87 -27.30
N THR A 60 27.64 -16.96 -26.85
CA THR A 60 27.34 -16.98 -25.43
C THR A 60 26.26 -18.02 -25.16
N LYS A 61 26.48 -18.89 -24.19
CA LYS A 61 25.54 -19.93 -23.82
C LYS A 61 24.69 -19.47 -22.63
N TRP A 62 23.37 -19.57 -22.77
CA TRP A 62 22.43 -19.08 -21.77
C TRP A 62 21.60 -20.24 -21.22
N ILE A 63 21.45 -20.27 -19.89
CA ILE A 63 20.67 -21.30 -19.21
C ILE A 63 19.56 -20.62 -18.43
N HIS A 64 18.32 -21.05 -18.68
CA HIS A 64 17.15 -20.52 -17.97
C HIS A 64 16.35 -21.67 -17.41
N ASN A 65 16.09 -21.62 -16.09
CA ASN A 65 15.32 -22.62 -15.34
C ASN A 65 15.89 -24.02 -15.51
N ASP A 66 17.24 -24.11 -15.40
CA ASP A 66 18.01 -25.35 -15.59
C ASP A 66 17.76 -25.99 -16.95
N SER A 67 17.67 -25.17 -17.99
CA SER A 67 17.43 -25.66 -19.33
C SER A 67 18.11 -24.73 -20.34
N ILE A 68 18.68 -25.32 -21.38
CA ILE A 68 19.41 -24.55 -22.38
C ILE A 68 18.41 -23.83 -23.28
N SER A 69 18.58 -22.51 -23.41
CA SER A 69 17.74 -21.72 -24.28
C SER A 69 18.35 -21.64 -25.68
N ASN A 70 17.54 -21.17 -26.64
CA ASN A 70 17.99 -21.02 -28.01
C ASN A 70 18.66 -19.68 -28.28
N VAL A 71 18.67 -18.77 -27.31
CA VAL A 71 19.29 -17.46 -27.48
C VAL A 71 20.80 -17.62 -27.27
N LYS A 72 21.56 -17.45 -28.34
CA LYS A 72 23.01 -17.59 -28.30
C LYS A 72 23.73 -16.25 -28.39
N SER A 73 23.01 -15.14 -28.37
CA SER A 73 23.63 -13.83 -28.44
C SER A 73 24.20 -13.42 -27.07
N SER A 74 25.09 -12.44 -27.10
CA SER A 74 25.66 -11.91 -25.86
C SER A 74 24.68 -11.03 -25.09
N HIS A 75 23.64 -10.54 -25.74
CA HIS A 75 22.61 -9.71 -25.11
C HIS A 75 21.26 -10.40 -25.28
N TRP A 76 20.67 -10.84 -24.19
CA TRP A 76 19.32 -11.39 -24.19
C TRP A 76 18.35 -10.25 -23.93
N VAL A 77 17.67 -9.81 -24.99
CA VAL A 77 16.76 -8.67 -24.91
C VAL A 77 15.34 -9.19 -24.82
N ILE A 78 14.65 -8.82 -23.75
CA ILE A 78 13.24 -9.15 -23.55
C ILE A 78 12.44 -7.88 -23.75
N VAL A 79 11.57 -7.88 -24.76
CA VAL A 79 10.84 -6.66 -25.11
C VAL A 79 9.61 -6.49 -24.21
N SER A 80 8.95 -7.59 -23.85
CA SER A 80 7.78 -7.55 -23.00
C SER A 80 7.84 -8.74 -22.05
N ALA A 81 8.11 -8.47 -20.78
CA ALA A 81 8.26 -9.53 -19.79
C ALA A 81 6.92 -10.17 -19.47
N THR A 82 6.97 -11.45 -19.12
CA THR A 82 5.80 -12.25 -18.80
C THR A 82 6.06 -12.94 -17.46
N ILE A 83 5.04 -13.62 -16.92
CA ILE A 83 5.19 -14.41 -15.71
C ILE A 83 6.15 -15.57 -15.90
N GLN A 84 6.27 -16.08 -17.14
CA GLN A 84 7.17 -17.16 -17.48
C GLN A 84 8.61 -16.72 -17.69
N ASP A 85 8.97 -15.51 -17.26
CA ASP A 85 10.33 -15.00 -17.32
C ASP A 85 10.94 -14.84 -15.93
N SER A 86 10.36 -15.48 -14.92
CA SER A 86 10.66 -15.23 -13.52
C SER A 86 11.60 -16.28 -12.92
N GLY A 87 12.56 -16.79 -13.68
CA GLY A 87 13.38 -17.87 -13.18
C GLY A 87 14.81 -17.52 -12.81
N LYS A 88 15.73 -18.40 -13.21
CA LYS A 88 17.15 -18.32 -12.86
C LYS A 88 17.96 -18.26 -14.14
N TYR A 89 19.00 -17.42 -14.16
CA TYR A 89 19.76 -17.16 -15.38
C TYR A 89 21.25 -17.33 -15.12
N ILE A 90 21.91 -18.07 -16.01
CA ILE A 90 23.35 -18.29 -15.98
C ILE A 90 23.89 -18.10 -17.39
N CYS A 91 24.87 -17.21 -17.54
CA CYS A 91 25.53 -17.00 -18.82
C CYS A 91 26.95 -17.54 -18.80
N GLN A 92 27.42 -18.00 -19.95
CA GLN A 92 28.76 -18.55 -20.09
C GLN A 92 29.34 -18.11 -21.42
N LYS A 93 30.38 -17.27 -21.37
CA LYS A 93 31.06 -16.85 -22.59
C LYS A 93 32.01 -17.94 -23.06
N GLN A 94 32.49 -17.79 -24.29
CA GLN A 94 33.42 -18.76 -24.86
C GLN A 94 34.80 -18.61 -24.22
N GLY A 95 35.33 -19.71 -23.70
CA GLY A 95 36.61 -19.68 -23.01
C GLY A 95 36.53 -19.30 -21.54
N PHE A 96 35.33 -19.14 -21.00
CA PHE A 96 35.11 -18.71 -19.62
C PHE A 96 34.32 -19.79 -18.88
N TYR A 97 34.17 -19.61 -17.57
CA TYR A 97 33.39 -20.51 -16.76
C TYR A 97 31.94 -20.02 -16.67
N LYS A 98 31.10 -20.79 -16.00
CA LYS A 98 29.72 -20.39 -15.79
C LYS A 98 29.65 -19.28 -14.74
N SER A 99 28.54 -18.56 -14.75
CA SER A 99 28.36 -17.38 -13.92
C SER A 99 27.64 -17.72 -12.63
N LYS A 100 27.75 -16.81 -11.67
CA LYS A 100 26.89 -16.85 -10.50
C LYS A 100 25.47 -16.52 -10.92
N PRO A 101 24.47 -17.31 -10.52
CA PRO A 101 23.12 -17.11 -11.03
C PRO A 101 22.44 -15.88 -10.45
N VAL A 102 21.67 -15.20 -11.28
CA VAL A 102 20.85 -14.07 -10.87
C VAL A 102 19.38 -14.45 -11.02
N TYR A 103 18.52 -13.80 -10.24
CA TYR A 103 17.12 -14.16 -10.15
C TYR A 103 16.27 -12.97 -10.56
N LEU A 104 15.28 -13.24 -11.40
CA LEU A 104 14.31 -12.25 -11.86
C LEU A 104 12.94 -12.61 -11.34
N ASN A 105 12.12 -11.60 -11.03
CA ASN A 105 10.77 -11.81 -10.54
C ASN A 105 9.84 -10.85 -11.26
N VAL A 106 8.82 -11.38 -11.92
CA VAL A 106 7.84 -10.61 -12.66
C VAL A 106 6.50 -10.74 -11.95
N MET A 107 5.97 -9.62 -11.45
CA MET A 107 4.75 -9.60 -10.66
C MET A 107 3.70 -8.73 -11.35
N GLN A 108 2.49 -8.74 -10.78
CA GLN A 108 1.36 -7.98 -11.31
C GLN A 108 0.57 -7.42 -10.12
N GLU A 109 0.93 -6.21 -9.69
CA GLU A 109 0.27 -5.52 -8.58
C GLU A 109 -0.08 -4.10 -8.99
N TRP A 110 -0.93 -3.47 -8.17
CA TRP A 110 -1.26 -2.06 -8.36
C TRP A 110 -0.05 -1.18 -8.10
N LEU A 111 0.70 -1.47 -7.04
CA LEU A 111 1.90 -0.73 -6.67
C LEU A 111 2.99 -1.73 -6.33
N LEU A 112 4.17 -1.55 -6.93
CA LEU A 112 5.30 -2.43 -6.70
C LEU A 112 6.48 -1.64 -6.19
N LEU A 113 7.12 -2.14 -5.14
CA LEU A 113 8.37 -1.56 -4.65
C LEU A 113 9.52 -2.32 -5.29
N GLN A 114 10.22 -1.66 -6.21
CA GLN A 114 11.36 -2.26 -6.88
C GLN A 114 12.61 -2.18 -6.00
N SER A 115 13.58 -3.02 -6.33
CA SER A 115 14.87 -3.00 -5.66
C SER A 115 15.92 -3.55 -6.63
N SER A 116 17.17 -3.15 -6.42
CA SER A 116 18.27 -3.65 -7.23
C SER A 116 18.99 -4.82 -6.58
N ALA A 117 18.69 -5.13 -5.32
CA ALA A 117 19.31 -6.23 -4.59
C ALA A 117 18.42 -6.62 -3.42
N ASP A 118 18.39 -7.91 -3.11
CA ASP A 118 17.69 -8.40 -1.93
C ASP A 118 18.63 -8.78 -0.79
N VAL A 119 19.90 -9.07 -1.10
CA VAL A 119 20.94 -9.27 -0.10
C VAL A 119 22.15 -8.45 -0.54
N VAL A 120 22.62 -7.56 0.33
CA VAL A 120 23.74 -6.68 0.01
C VAL A 120 24.78 -6.83 1.12
N LEU A 121 26.03 -6.59 0.76
CA LEU A 121 27.14 -6.71 1.69
C LEU A 121 27.32 -5.42 2.49
N ASP A 122 28.21 -5.48 3.48
CA ASP A 122 28.58 -4.30 4.24
C ASP A 122 29.37 -3.34 3.35
N ASN A 123 29.17 -2.03 3.61
CA ASN A 123 29.72 -0.93 2.81
C ASN A 123 29.29 -1.05 1.34
N GLY A 124 28.05 -1.51 1.12
CA GLY A 124 27.51 -1.65 -0.20
C GLY A 124 26.42 -0.62 -0.49
N SER A 125 25.80 -0.77 -1.67
CA SER A 125 24.80 0.18 -2.11
C SER A 125 23.68 -0.55 -2.83
N PHE A 126 22.47 0.00 -2.73
CA PHE A 126 21.31 -0.50 -3.44
C PHE A 126 20.30 0.62 -3.57
N ASP A 127 19.40 0.47 -4.54
CA ASP A 127 18.35 1.45 -4.79
C ASP A 127 16.98 0.81 -4.60
N ILE A 128 16.00 1.64 -4.25
CA ILE A 128 14.60 1.24 -4.20
C ILE A 128 13.80 2.26 -4.99
N ARG A 129 12.61 1.83 -5.43
CA ARG A 129 11.72 2.68 -6.21
C ARG A 129 10.31 2.15 -6.07
N CYS A 130 9.35 3.07 -6.03
CA CYS A 130 7.93 2.72 -6.03
C CYS A 130 7.38 2.96 -7.43
N ARG A 131 6.88 1.89 -8.05
CA ARG A 131 6.45 1.92 -9.44
C ARG A 131 5.04 1.37 -9.56
N SER A 132 4.18 2.08 -10.29
CA SER A 132 2.81 1.65 -10.53
C SER A 132 2.73 0.89 -11.86
N TRP A 133 1.55 0.42 -12.21
CA TRP A 133 1.35 -0.52 -13.32
C TRP A 133 0.46 0.11 -14.39
N LYS A 134 1.01 0.21 -15.62
CA LYS A 134 0.26 0.46 -16.86
C LYS A 134 -0.52 1.78 -16.82
N LYS A 135 0.27 2.87 -16.87
CA LYS A 135 -0.16 4.28 -16.89
C LYS A 135 -1.20 4.60 -15.80
N TRP A 136 -0.76 4.37 -14.57
CA TRP A 136 -1.46 4.75 -13.34
C TRP A 136 -0.48 5.51 -12.45
N LYS A 137 0.18 6.52 -13.02
CA LYS A 137 1.40 7.12 -12.48
C LYS A 137 1.22 7.69 -11.07
N VAL A 138 2.19 7.39 -10.20
CA VAL A 138 2.03 7.54 -8.76
C VAL A 138 2.63 8.87 -8.31
N HIS A 139 1.99 9.50 -7.34
CA HIS A 139 2.44 10.76 -6.75
C HIS A 139 2.33 10.66 -5.24
N LYS A 140 3.09 11.53 -4.55
CA LYS A 140 3.13 11.65 -3.09
C LYS A 140 3.54 10.33 -2.42
N VAL A 141 4.77 9.92 -2.70
CA VAL A 141 5.27 8.62 -2.28
C VAL A 141 5.95 8.74 -0.92
N ILE A 142 5.61 7.84 -0.01
CA ILE A 142 6.21 7.74 1.31
C ILE A 142 6.86 6.36 1.45
N TYR A 143 8.14 6.33 1.80
CA TYR A 143 8.90 5.09 1.93
C TYR A 143 9.02 4.72 3.40
N TYR A 144 8.71 3.47 3.71
CA TYR A 144 8.77 2.95 5.07
C TYR A 144 9.83 1.86 5.18
N LYS A 145 10.46 1.78 6.36
CA LYS A 145 11.33 0.67 6.72
C LYS A 145 10.92 0.22 8.12
N ASP A 146 10.40 -1.01 8.20
CA ASP A 146 9.84 -1.61 9.42
C ASP A 146 8.76 -0.72 10.04
N ASP A 147 7.84 -0.28 9.18
CA ASP A 147 6.70 0.58 9.52
C ASP A 147 7.13 1.92 10.12
N ILE A 148 8.29 2.42 9.72
CA ILE A 148 8.77 3.74 10.12
C ILE A 148 9.12 4.50 8.85
N ALA A 149 8.47 5.63 8.62
CA ALA A 149 8.72 6.43 7.42
C ALA A 149 10.04 7.16 7.54
N PHE A 150 10.80 7.19 6.43
CA PHE A 150 12.07 7.89 6.40
C PHE A 150 12.28 8.77 5.18
N LYS A 151 11.39 8.74 4.19
CA LYS A 151 11.59 9.52 2.98
C LYS A 151 10.23 9.86 2.37
N TYR A 152 10.09 11.11 1.92
CA TYR A 152 8.93 11.55 1.17
C TYR A 152 9.38 12.20 -0.12
N SER A 153 8.73 11.85 -1.22
CA SER A 153 9.00 12.46 -2.51
C SER A 153 7.70 12.62 -3.28
N TYR A 154 7.55 13.75 -3.98
CA TYR A 154 6.39 13.96 -4.82
C TYR A 154 6.41 13.04 -6.03
N ASP A 155 7.58 12.87 -6.64
CA ASP A 155 7.76 12.02 -7.80
C ASP A 155 8.30 10.66 -7.37
N SER A 156 8.23 9.70 -8.29
CA SER A 156 8.77 8.36 -8.08
C SER A 156 10.16 8.32 -8.70
N ASN A 157 11.19 8.36 -7.85
CA ASN A 157 12.57 8.37 -8.31
C ASN A 157 13.39 7.34 -7.56
N ASN A 158 14.71 7.32 -7.82
CA ASN A 158 15.61 6.47 -7.05
C ASN A 158 15.74 6.98 -5.62
N ILE A 159 15.84 6.06 -4.67
CA ILE A 159 16.23 6.37 -3.31
C ILE A 159 17.51 5.58 -3.06
N SER A 160 18.65 6.22 -3.33
CA SER A 160 19.94 5.54 -3.21
C SER A 160 20.35 5.45 -1.74
N ILE A 161 20.75 4.25 -1.33
CA ILE A 161 21.20 4.00 0.03
C ILE A 161 22.66 3.57 -0.07
N ARG A 162 23.57 4.46 0.33
CA ARG A 162 25.00 4.22 0.24
C ARG A 162 25.57 3.91 1.61
N LYS A 163 26.70 3.19 1.61
CA LYS A 163 27.43 2.75 2.80
C LYS A 163 26.54 1.94 3.74
N ALA A 164 26.13 0.77 3.23
CA ALA A 164 25.17 -0.07 3.91
C ALA A 164 25.77 -0.67 5.18
N THR A 165 25.03 -0.58 6.28
CA THR A 165 25.42 -1.12 7.57
C THR A 165 24.34 -2.11 8.02
N PHE A 166 24.46 -2.56 9.27
CA PHE A 166 23.50 -3.51 9.83
C PHE A 166 22.14 -2.88 10.09
N ASN A 167 22.06 -1.55 10.18
CA ASN A 167 20.80 -0.88 10.49
C ASN A 167 19.86 -0.80 9.31
N ASP A 168 20.32 -1.08 8.09
CA ASP A 168 19.49 -1.00 6.90
C ASP A 168 18.71 -2.27 6.62
N SER A 169 18.85 -3.30 7.46
CA SER A 169 18.11 -4.54 7.28
C SER A 169 16.71 -4.40 7.86
N GLY A 170 15.70 -4.76 7.06
CA GLY A 170 14.34 -4.68 7.52
C GLY A 170 13.36 -4.88 6.38
N SER A 171 12.10 -4.59 6.67
CA SER A 171 11.02 -4.75 5.71
C SER A 171 10.65 -3.40 5.12
N TYR A 172 10.63 -3.31 3.80
CA TYR A 172 10.42 -2.06 3.08
C TYR A 172 9.10 -2.12 2.31
N HIS A 173 8.35 -1.02 2.32
CA HIS A 173 7.20 -0.86 1.45
C HIS A 173 6.97 0.63 1.22
N CYS A 174 6.04 0.94 0.32
CA CYS A 174 5.73 2.32 -0.03
C CYS A 174 4.22 2.49 -0.21
N THR A 175 3.77 3.73 -0.09
CA THR A 175 2.41 4.12 -0.40
C THR A 175 2.43 5.22 -1.46
N GLY A 176 1.28 5.46 -2.06
CA GLY A 176 1.18 6.52 -3.06
C GLY A 176 -0.25 6.68 -3.54
N TYR A 177 -0.45 7.71 -4.35
CA TYR A 177 -1.75 8.04 -4.92
C TYR A 177 -1.71 7.80 -6.42
N LEU A 178 -2.66 7.01 -6.93
CA LEU A 178 -2.71 6.75 -8.37
C LEU A 178 -3.21 7.99 -9.11
N ASN A 179 -4.44 8.40 -8.84
CA ASN A 179 -4.85 9.78 -9.11
C ASN A 179 -5.23 10.49 -7.83
N LYS A 180 -6.19 9.97 -7.09
CA LYS A 180 -6.50 10.43 -5.75
C LYS A 180 -6.77 9.25 -4.81
N VAL A 181 -6.49 8.03 -5.25
CA VAL A 181 -6.77 6.82 -4.48
C VAL A 181 -5.48 6.35 -3.85
N GLU A 182 -5.48 6.22 -2.52
CA GLU A 182 -4.32 5.75 -1.80
C GLU A 182 -4.19 4.24 -1.96
N CYS A 183 -2.99 3.79 -2.34
CA CYS A 183 -2.72 2.37 -2.51
C CYS A 183 -1.45 2.01 -1.74
N LYS A 184 -1.36 0.74 -1.35
CA LYS A 184 -0.26 0.23 -0.57
C LYS A 184 0.44 -0.90 -1.33
N SER A 185 1.76 -0.97 -1.17
CA SER A 185 2.56 -2.02 -1.77
C SER A 185 2.88 -3.09 -0.74
N ASP A 186 3.19 -4.29 -1.24
CA ASP A 186 3.55 -5.40 -0.36
C ASP A 186 4.95 -5.19 0.21
N LYS A 187 5.19 -5.77 1.38
CA LYS A 187 6.46 -5.59 2.07
C LYS A 187 7.55 -6.44 1.43
N PHE A 188 8.75 -5.87 1.34
CA PHE A 188 9.91 -6.55 0.77
C PHE A 188 11.02 -6.52 1.80
N SER A 189 11.66 -7.66 2.01
CA SER A 189 12.69 -7.81 3.04
C SER A 189 14.06 -7.74 2.40
N ILE A 190 14.89 -6.81 2.86
CA ILE A 190 16.26 -6.64 2.40
C ILE A 190 17.18 -6.86 3.59
N ALA A 191 18.16 -7.75 3.44
CA ALA A 191 19.06 -8.12 4.52
C ALA A 191 20.48 -7.71 4.17
N VAL A 192 21.18 -7.14 5.14
CA VAL A 192 22.59 -6.77 5.00
C VAL A 192 23.42 -7.74 5.83
N VAL A 193 24.42 -8.36 5.19
CA VAL A 193 25.20 -9.42 5.81
C VAL A 193 26.68 -9.08 5.72
N LYS A 194 27.45 -9.66 6.65
CA LYS A 194 28.90 -9.52 6.59
C LYS A 194 29.51 -10.40 5.51
N ASP A 195 28.92 -11.56 5.25
CA ASP A 195 29.37 -12.44 4.18
C ASP A 195 28.16 -13.15 3.59
N TYR A 196 28.26 -13.52 2.32
CA TYR A 196 27.17 -14.19 1.64
C TYR A 196 27.00 -15.61 2.15
N THR A 197 25.75 -16.01 2.35
CA THR A 197 25.44 -17.41 2.61
C THR A 197 25.68 -18.21 1.33
N ILE A 198 26.36 -19.34 1.45
CA ILE A 198 26.74 -20.11 0.26
C ILE A 198 26.16 -21.52 0.31
N GLU A 199 24.92 -21.65 0.86
CA GLU A 199 23.80 -22.51 0.38
C GLU A 199 24.13 -23.99 0.21
N TYR A 200 25.33 -24.44 0.62
CA TYR A 200 25.75 -25.82 0.42
C TYR A 200 26.59 -26.30 1.60
N ARG A 201 26.32 -25.78 2.80
CA ARG A 201 27.14 -26.08 3.96
C ARG A 201 26.97 -27.50 4.46
N TRP A 202 25.86 -28.17 4.13
CA TRP A 202 25.65 -29.53 4.55
C TRP A 202 26.48 -30.54 3.75
N LEU A 203 27.07 -30.11 2.63
CA LEU A 203 27.86 -31.02 1.81
C LEU A 203 29.14 -31.44 2.50
N GLN A 204 29.66 -30.64 3.43
CA GLN A 204 30.86 -31.01 4.16
C GLN A 204 30.56 -31.88 5.38
N LEU A 205 29.28 -32.16 5.65
CA LEU A 205 28.87 -33.04 6.73
C LEU A 205 28.71 -34.49 6.27
N ILE A 206 29.46 -34.90 5.25
CA ILE A 206 29.38 -36.25 4.72
C ILE A 206 30.43 -37.16 5.33
N PHE A 207 31.68 -36.70 5.39
CA PHE A 207 32.81 -37.48 5.90
C PHE A 207 32.71 -37.84 7.39
N PRO A 208 32.32 -36.93 8.32
CA PRO A 208 31.98 -37.44 9.67
C PRO A 208 30.78 -38.37 9.68
N SER A 209 29.79 -38.13 8.82
CA SER A 209 28.65 -39.03 8.71
C SER A 209 29.03 -40.37 8.09
N LEU A 210 30.17 -40.45 7.42
CA LEU A 210 30.73 -41.72 6.97
C LEU A 210 31.59 -42.37 8.04
N ALA A 211 32.27 -41.57 8.86
CA ALA A 211 33.07 -42.11 9.96
C ALA A 211 32.19 -42.74 11.03
N VAL A 212 31.01 -42.17 11.29
CA VAL A 212 30.09 -42.78 12.26
C VAL A 212 29.44 -44.06 11.72
N ILE A 213 29.49 -44.31 10.41
CA ILE A 213 29.07 -45.61 9.89
C ILE A 213 30.24 -46.60 9.96
N LEU A 214 31.45 -46.14 9.64
CA LEU A 214 32.61 -47.02 9.63
C LEU A 214 32.97 -47.51 11.04
N PHE A 215 32.86 -46.64 12.04
CA PHE A 215 33.14 -47.06 13.41
C PHE A 215 32.06 -47.99 13.95
N ALA A 216 30.81 -47.78 13.54
CA ALA A 216 29.74 -48.72 13.89
C ALA A 216 29.97 -50.09 13.27
N VAL A 217 30.46 -50.11 12.02
CA VAL A 217 30.84 -51.36 11.36
C VAL A 217 31.99 -52.03 12.10
N ASP A 218 32.96 -51.24 12.57
CA ASP A 218 34.08 -51.76 13.34
C ASP A 218 33.63 -52.38 14.66
N THR A 219 32.69 -51.74 15.36
CA THR A 219 32.19 -52.29 16.61
C THR A 219 31.36 -53.55 16.37
N GLY A 220 30.55 -53.57 15.30
CA GLY A 220 29.81 -54.77 14.95
C GLY A 220 30.69 -55.93 14.57
N LEU A 221 31.84 -55.64 13.95
CA LEU A 221 32.81 -56.71 13.67
C LEU A 221 33.51 -57.16 14.95
N TRP A 222 33.82 -56.21 15.84
CA TRP A 222 34.53 -56.54 17.08
C TRP A 222 33.71 -57.42 17.99
N PHE A 223 32.40 -57.15 18.08
CA PHE A 223 31.52 -57.95 18.94
C PHE A 223 31.45 -59.40 18.46
N SER A 224 31.32 -59.59 17.14
CA SER A 224 31.28 -60.95 16.59
C SER A 224 32.62 -61.66 16.74
N THR A 225 33.73 -60.93 16.55
CA THR A 225 35.06 -61.51 16.71
C THR A 225 35.32 -61.94 18.14
N HIS A 226 34.94 -61.09 19.11
CA HIS A 226 35.11 -61.45 20.52
C HIS A 226 34.20 -62.59 20.94
N LYS A 227 32.97 -62.64 20.39
CA LYS A 227 32.06 -63.75 20.69
C LYS A 227 32.61 -65.06 20.14
N GLN A 228 33.17 -65.04 18.92
CA GLN A 228 33.73 -66.26 18.33
C GLN A 228 34.98 -66.70 19.08
N PHE A 229 35.83 -65.75 19.50
CA PHE A 229 37.02 -66.12 20.28
C PHE A 229 36.67 -66.63 21.66
N GLU A 230 35.61 -66.08 22.29
CA GLU A 230 35.20 -66.57 23.59
C GLU A 230 34.52 -67.93 23.49
N SER A 231 33.86 -68.23 22.37
CA SER A 231 33.32 -69.57 22.20
C SER A 231 34.40 -70.58 21.87
N ILE A 232 35.45 -70.18 21.14
CA ILE A 232 36.54 -71.12 20.88
C ILE A 232 37.48 -71.26 22.08
N LEU A 233 37.45 -70.31 23.02
CA LEU A 233 38.25 -70.47 24.23
C LEU A 233 37.64 -71.50 25.18
N LYS A 234 36.31 -71.61 25.19
CA LYS A 234 35.64 -72.62 25.99
C LYS A 234 35.77 -74.02 25.42
N ILE A 235 36.01 -74.12 24.10
CA ILE A 235 36.23 -75.44 23.48
C ILE A 235 37.55 -76.03 23.95
N GLN A 236 38.61 -75.24 23.93
CA GLN A 236 39.93 -75.68 24.36
C GLN A 236 40.01 -75.85 25.88
N TRP B 50 58.10 -66.91 -0.86
CA TRP B 50 57.30 -65.70 -0.79
C TRP B 50 55.85 -65.96 -1.19
N GLN B 51 55.61 -67.15 -1.75
CA GLN B 51 54.26 -67.52 -2.16
C GLN B 51 53.39 -67.86 -0.96
N SER B 52 53.99 -68.35 0.13
CA SER B 52 53.24 -68.64 1.35
C SER B 52 52.89 -67.37 2.13
N PHE B 53 53.51 -66.24 1.82
CA PHE B 53 53.21 -64.97 2.45
C PHE B 53 51.93 -64.34 1.90
N LEU B 54 51.38 -64.88 0.81
CA LEU B 54 50.22 -64.28 0.15
C LEU B 54 49.00 -65.17 0.13
N LYS B 55 49.14 -66.48 0.38
CA LYS B 55 47.99 -67.36 0.43
C LYS B 55 47.14 -67.09 1.66
N LYS B 56 47.78 -66.73 2.78
CA LYS B 56 47.06 -66.36 3.99
C LYS B 56 46.33 -65.03 3.80
N GLU B 57 46.98 -64.05 3.18
CA GLU B 57 46.42 -62.72 2.98
C GLU B 57 45.86 -62.63 1.56
N LEU B 58 44.70 -63.24 1.36
CA LEU B 58 44.00 -63.20 0.07
C LEU B 58 42.59 -62.64 0.17
N GLU B 59 41.79 -63.10 1.13
CA GLU B 59 40.42 -62.64 1.21
C GLU B 59 40.32 -61.23 1.78
N PHE B 60 41.33 -60.77 2.54
CA PHE B 60 41.42 -59.36 2.88
C PHE B 60 41.66 -58.52 1.63
N LEU B 61 42.49 -59.02 0.72
CA LEU B 61 42.71 -58.37 -0.57
C LEU B 61 41.46 -58.37 -1.43
N GLY B 62 40.59 -59.38 -1.27
CA GLY B 62 39.29 -59.32 -1.90
C GLY B 62 38.32 -58.39 -1.21
N VAL B 63 38.46 -58.24 0.11
CA VAL B 63 37.55 -57.42 0.90
C VAL B 63 37.77 -55.94 0.62
N THR B 64 39.04 -55.53 0.47
CA THR B 64 39.34 -54.11 0.28
C THR B 64 38.82 -53.58 -1.05
N GLN B 65 38.74 -54.43 -2.08
CA GLN B 65 38.13 -54.01 -3.34
C GLN B 65 36.64 -53.77 -3.20
N VAL B 66 35.95 -54.62 -2.43
CA VAL B 66 34.53 -54.44 -2.15
C VAL B 66 34.31 -53.16 -1.36
N LEU B 67 35.16 -52.89 -0.38
CA LEU B 67 35.06 -51.67 0.43
C LEU B 67 35.29 -50.42 -0.41
N VAL B 68 36.30 -50.45 -1.29
CA VAL B 68 36.60 -49.34 -2.18
C VAL B 68 35.44 -49.09 -3.14
N GLY B 69 34.87 -50.17 -3.69
CA GLY B 69 33.74 -50.02 -4.60
C GLY B 69 32.49 -49.48 -3.93
N LEU B 70 32.20 -49.94 -2.71
CA LEU B 70 31.01 -49.46 -2.02
C LEU B 70 31.17 -48.01 -1.58
N ILE B 71 32.39 -47.61 -1.19
CA ILE B 71 32.64 -46.19 -0.88
C ILE B 71 32.54 -45.35 -2.14
N CYS B 72 32.99 -45.88 -3.29
CA CYS B 72 32.85 -45.19 -4.56
C CYS B 72 31.37 -44.98 -4.94
N LEU B 73 30.55 -46.01 -4.73
CA LEU B 73 29.12 -45.88 -5.03
C LEU B 73 28.44 -44.90 -4.07
N CYS B 74 28.81 -44.93 -2.79
CA CYS B 74 28.25 -43.99 -1.81
C CYS B 74 28.67 -42.55 -2.11
N PHE B 75 29.90 -42.37 -2.61
CA PHE B 75 30.35 -41.04 -3.00
C PHE B 75 29.64 -40.56 -4.28
N GLY B 76 29.36 -41.48 -5.21
CA GLY B 76 28.66 -41.08 -6.42
C GLY B 76 27.19 -40.78 -6.19
N THR B 77 26.56 -41.45 -5.23
CA THR B 77 25.11 -41.32 -5.00
C THR B 77 24.75 -39.92 -4.50
N VAL B 78 25.53 -39.37 -3.56
CA VAL B 78 25.23 -38.05 -3.01
C VAL B 78 25.45 -36.96 -4.05
N VAL B 79 26.46 -37.12 -4.90
CA VAL B 79 26.68 -36.18 -6.00
C VAL B 79 25.56 -36.27 -7.02
N CYS B 80 25.06 -37.49 -7.26
CA CYS B 80 23.93 -37.67 -8.19
C CYS B 80 22.66 -37.03 -7.65
N SER B 81 22.41 -37.13 -6.35
CA SER B 81 21.15 -36.69 -5.78
C SER B 81 21.14 -35.22 -5.38
N THR B 82 22.10 -34.79 -4.56
CA THR B 82 22.03 -33.47 -3.94
C THR B 82 22.38 -32.34 -4.90
N LEU B 83 23.36 -32.56 -5.79
CA LEU B 83 23.90 -31.46 -6.57
C LEU B 83 23.04 -31.19 -7.80
N GLN B 84 22.76 -29.90 -8.03
CA GLN B 84 22.14 -29.43 -9.28
C GLN B 84 23.28 -29.16 -10.25
N THR B 85 23.57 -30.12 -11.14
CA THR B 85 24.78 -30.10 -11.94
C THR B 85 24.74 -29.09 -13.08
N SER B 86 23.58 -28.48 -13.37
CA SER B 86 23.50 -27.51 -14.45
C SER B 86 24.05 -26.14 -14.06
N ASP B 87 24.32 -25.91 -12.77
CA ASP B 87 24.88 -24.65 -12.31
C ASP B 87 26.40 -24.64 -12.29
N PHE B 88 27.04 -25.79 -12.43
CA PHE B 88 28.48 -25.92 -12.32
C PHE B 88 29.07 -26.42 -13.64
N ASP B 89 30.36 -26.15 -13.81
CA ASP B 89 31.04 -26.44 -15.07
C ASP B 89 31.26 -27.93 -15.25
N ASP B 90 31.42 -28.34 -16.51
CA ASP B 90 31.72 -29.73 -16.84
C ASP B 90 33.20 -30.05 -16.71
N GLU B 91 34.07 -29.04 -16.59
CA GLU B 91 35.47 -29.30 -16.33
C GLU B 91 35.70 -29.73 -14.88
N VAL B 92 34.96 -29.13 -13.95
CA VAL B 92 35.08 -29.48 -12.54
C VAL B 92 34.50 -30.88 -12.28
N LEU B 93 33.37 -31.19 -12.92
CA LEU B 93 32.65 -32.44 -12.68
C LEU B 93 33.03 -33.53 -13.67
N LEU B 94 34.29 -33.57 -14.11
CA LEU B 94 34.73 -34.53 -15.12
C LEU B 94 34.67 -35.97 -14.61
N LEU B 95 34.84 -36.18 -13.31
CA LEU B 95 34.74 -37.52 -12.75
C LEU B 95 33.31 -38.03 -12.72
N TYR B 96 32.32 -37.14 -12.77
CA TYR B 96 30.92 -37.53 -12.80
C TYR B 96 30.39 -37.71 -14.22
N ARG B 97 30.83 -36.86 -15.15
CA ARG B 97 30.37 -36.98 -16.54
C ARG B 97 30.96 -38.19 -17.23
N ALA B 98 32.11 -38.68 -16.77
CA ALA B 98 32.64 -39.95 -17.23
C ALA B 98 31.97 -41.15 -16.57
N GLY B 99 31.18 -40.91 -15.51
CA GLY B 99 30.46 -41.98 -14.85
C GLY B 99 31.31 -42.93 -14.05
N TYR B 100 32.52 -42.50 -13.66
CA TYR B 100 33.46 -43.39 -12.96
C TYR B 100 32.98 -44.01 -11.65
N PRO B 101 32.30 -43.32 -10.71
CA PRO B 101 31.87 -44.01 -9.49
C PRO B 101 30.74 -45.01 -9.68
N PHE B 102 30.29 -45.29 -10.90
CA PHE B 102 29.31 -46.33 -11.16
C PHE B 102 29.97 -47.60 -11.70
N TRP B 103 30.69 -47.49 -12.83
CA TRP B 103 31.32 -48.69 -13.37
C TRP B 103 32.54 -49.10 -12.58
N GLY B 104 33.27 -48.15 -11.98
CA GLY B 104 34.34 -48.53 -11.08
C GLY B 104 33.85 -49.25 -9.85
N ALA B 105 32.72 -48.77 -9.29
CA ALA B 105 32.10 -49.44 -8.14
C ALA B 105 31.63 -50.84 -8.50
N VAL B 106 30.99 -50.99 -9.67
CA VAL B 106 30.47 -52.29 -10.09
C VAL B 106 31.60 -53.28 -10.33
N LEU B 107 32.67 -52.84 -11.01
CA LEU B 107 33.79 -53.73 -11.30
C LEU B 107 34.56 -54.10 -10.03
N PHE B 108 34.74 -53.15 -9.11
CA PHE B 108 35.44 -53.45 -7.87
C PHE B 108 34.64 -54.41 -6.98
N VAL B 109 33.32 -54.19 -6.88
CA VAL B 109 32.46 -55.08 -6.09
C VAL B 109 32.44 -56.49 -6.69
N LEU B 110 32.33 -56.57 -8.03
CA LEU B 110 32.29 -57.88 -8.69
C LEU B 110 33.61 -58.62 -8.56
N SER B 111 34.74 -57.91 -8.71
CA SER B 111 36.05 -58.54 -8.57
C SER B 111 36.30 -59.03 -7.16
N GLY B 112 35.92 -58.22 -6.15
CA GLY B 112 36.10 -58.64 -4.77
C GLY B 112 35.21 -59.81 -4.40
N PHE B 113 33.95 -59.80 -4.86
CA PHE B 113 33.03 -60.91 -4.58
C PHE B 113 33.50 -62.19 -5.26
N LEU B 114 34.00 -62.09 -6.50
CA LEU B 114 34.48 -63.27 -7.21
C LEU B 114 35.75 -63.83 -6.57
N SER B 115 36.64 -62.95 -6.09
CA SER B 115 37.84 -63.42 -5.40
C SER B 115 37.50 -64.09 -4.07
N ILE B 116 36.53 -63.53 -3.34
CA ILE B 116 36.10 -64.11 -2.06
C ILE B 116 35.47 -65.48 -2.29
N MET B 117 34.58 -65.59 -3.29
CA MET B 117 33.91 -66.86 -3.53
C MET B 117 34.85 -67.90 -4.12
N SER B 118 35.84 -67.48 -4.91
CA SER B 118 36.84 -68.42 -5.41
C SER B 118 37.78 -68.89 -4.30
N GLU B 119 38.06 -68.02 -3.32
CA GLU B 119 38.83 -68.47 -2.16
C GLU B 119 38.03 -69.47 -1.32
N ARG B 120 36.75 -69.21 -1.10
CA ARG B 120 35.94 -70.08 -0.26
C ARG B 120 35.29 -71.24 -1.00
N LYS B 121 35.56 -71.40 -2.28
CA LYS B 121 35.03 -72.54 -3.04
C LYS B 121 36.10 -73.43 -3.64
N ASN B 122 37.22 -72.82 -4.10
CA ASN B 122 38.41 -73.47 -4.70
C ASN B 122 38.09 -74.53 -5.76
N THR B 123 37.01 -74.34 -6.51
CA THR B 123 36.73 -75.22 -7.63
C THR B 123 37.48 -74.74 -8.86
N LEU B 124 37.69 -75.65 -9.81
CA LEU B 124 38.46 -75.32 -11.01
C LEU B 124 37.58 -74.81 -12.15
N TYR B 125 36.73 -73.83 -11.86
CA TYR B 125 36.00 -73.02 -12.82
C TYR B 125 36.02 -71.55 -12.46
N LEU B 126 35.96 -71.21 -11.18
CA LEU B 126 36.05 -69.82 -10.75
C LEU B 126 37.50 -69.33 -10.81
N VAL B 127 38.46 -70.20 -10.49
CA VAL B 127 39.86 -69.91 -10.78
C VAL B 127 40.04 -69.94 -12.29
N ARG B 128 40.93 -69.05 -12.78
CA ARG B 128 41.15 -68.66 -14.17
C ARG B 128 39.93 -67.97 -14.79
N GLY B 129 38.96 -67.56 -13.97
CA GLY B 129 37.87 -66.72 -14.42
C GLY B 129 37.84 -65.46 -13.59
N SER B 130 38.40 -65.55 -12.37
CA SER B 130 38.57 -64.38 -11.53
C SER B 130 39.73 -63.51 -12.00
N LEU B 131 40.65 -64.07 -12.79
CA LEU B 131 41.77 -63.29 -13.32
C LEU B 131 41.29 -62.27 -14.35
N GLY B 132 40.30 -62.64 -15.16
CA GLY B 132 39.70 -61.68 -16.07
C GLY B 132 38.95 -60.57 -15.35
N ALA B 133 38.21 -60.92 -14.31
CA ALA B 133 37.51 -59.94 -13.49
C ALA B 133 38.47 -59.06 -12.69
N ASN B 134 39.68 -59.54 -12.44
CA ASN B 134 40.71 -58.72 -11.79
C ASN B 134 41.44 -57.82 -12.79
N ILE B 135 41.70 -58.30 -14.01
CA ILE B 135 42.41 -57.47 -14.98
C ILE B 135 41.50 -56.39 -15.54
N VAL B 136 40.19 -56.66 -15.65
CA VAL B 136 39.28 -55.59 -16.06
C VAL B 136 39.12 -54.57 -14.93
N SER B 137 39.23 -55.01 -13.68
CA SER B 137 39.24 -54.08 -12.56
C SER B 137 40.51 -53.24 -12.53
N SER B 138 41.65 -53.83 -12.91
CA SER B 138 42.90 -53.08 -13.01
C SER B 138 42.84 -52.04 -14.13
N ILE B 139 42.24 -52.40 -15.26
CA ILE B 139 42.06 -51.45 -16.37
C ILE B 139 41.13 -50.31 -15.95
N ALA B 140 40.04 -50.64 -15.24
CA ALA B 140 39.12 -49.61 -14.75
C ALA B 140 39.80 -48.72 -13.71
N ALA B 141 40.66 -49.30 -12.87
CA ALA B 141 41.37 -48.51 -11.86
C ALA B 141 42.39 -47.58 -12.48
N GLY B 142 43.10 -48.04 -13.51
CA GLY B 142 44.04 -47.16 -14.21
C GLY B 142 43.34 -46.04 -14.95
N LEU B 143 42.21 -46.35 -15.61
CA LEU B 143 41.41 -45.32 -16.26
C LEU B 143 40.87 -44.32 -15.25
N GLY B 144 40.43 -44.80 -14.08
CA GLY B 144 39.96 -43.91 -13.04
C GLY B 144 41.06 -43.04 -12.46
N ILE B 145 42.28 -43.59 -12.36
CA ILE B 145 43.43 -42.80 -11.88
C ILE B 145 43.74 -41.67 -12.86
N ALA B 146 43.71 -41.98 -14.16
CA ALA B 146 43.94 -40.95 -15.18
C ALA B 146 42.85 -39.87 -15.17
N ILE B 147 41.58 -40.30 -15.05
CA ILE B 147 40.45 -39.38 -15.02
C ILE B 147 40.51 -38.48 -13.78
N LEU B 148 40.85 -39.06 -12.63
CA LEU B 148 40.95 -38.28 -11.41
C LEU B 148 42.14 -37.32 -11.45
N ILE B 149 43.22 -37.68 -12.15
CA ILE B 149 44.36 -36.77 -12.29
C ILE B 149 43.99 -35.57 -13.16
N LEU B 150 43.28 -35.81 -14.29
CA LEU B 150 42.82 -34.70 -15.11
C LEU B 150 41.80 -33.82 -14.37
N ASN B 151 40.93 -34.44 -13.57
CA ASN B 151 39.98 -33.67 -12.77
C ASN B 151 40.67 -32.86 -11.69
N LEU B 152 41.76 -33.39 -11.11
CA LEU B 152 42.52 -32.62 -10.13
C LEU B 152 43.21 -31.43 -10.77
N SER B 153 43.73 -31.60 -11.99
CA SER B 153 44.34 -30.46 -12.68
C SER B 153 43.30 -29.41 -13.05
N ASN B 154 42.11 -29.84 -13.47
CA ASN B 154 41.02 -28.89 -13.75
C ASN B 154 40.57 -28.16 -12.49
N ASN B 155 40.53 -28.88 -11.36
CA ASN B 155 40.19 -28.25 -10.08
C ASN B 155 41.23 -27.23 -9.67
N SER B 156 42.52 -27.51 -9.90
CA SER B 156 43.57 -26.55 -9.60
C SER B 156 43.47 -25.32 -10.50
N ALA B 157 43.15 -25.54 -11.78
CA ALA B 157 42.99 -24.43 -12.72
C ALA B 157 41.81 -23.53 -12.34
N TYR B 158 40.72 -24.12 -11.83
CA TYR B 158 39.61 -23.30 -11.36
C TYR B 158 39.97 -22.61 -10.04
N MET B 159 40.58 -23.34 -9.10
CA MET B 159 40.86 -22.80 -7.77
C MET B 159 42.00 -21.79 -7.76
N ASN B 160 42.73 -21.64 -8.87
CA ASN B 160 43.60 -20.48 -9.03
C ASN B 160 42.79 -19.19 -9.02
N TYR B 161 41.61 -19.21 -9.64
CA TYR B 161 40.77 -18.00 -9.77
C TYR B 161 39.72 -17.94 -8.66
N CYS B 162 40.15 -18.09 -7.40
CA CYS B 162 39.26 -17.96 -6.25
C CYS B 162 40.09 -17.42 -5.11
N LYS B 163 39.73 -16.24 -4.60
CA LYS B 163 40.51 -15.63 -3.53
C LYS B 163 40.26 -16.31 -2.18
N ASP B 164 39.18 -17.06 -2.04
CA ASP B 164 38.87 -17.73 -0.79
C ASP B 164 38.08 -19.00 -1.10
N ILE B 165 38.05 -19.92 -0.13
CA ILE B 165 37.28 -21.14 -0.27
C ILE B 165 35.79 -20.92 -0.09
N THR B 166 35.38 -19.74 0.38
CA THR B 166 34.00 -19.45 0.71
C THR B 166 33.51 -18.22 -0.03
N GLU B 167 34.01 -18.00 -1.25
CA GLU B 167 33.56 -16.88 -2.06
C GLU B 167 32.12 -17.05 -2.52
N ASP B 168 31.80 -18.20 -3.11
CA ASP B 168 30.46 -18.46 -3.64
C ASP B 168 30.28 -19.97 -3.70
N ASP B 169 29.27 -20.40 -4.47
CA ASP B 169 28.99 -21.83 -4.58
C ASP B 169 30.03 -22.53 -5.45
N GLY B 170 30.63 -21.80 -6.40
CA GLY B 170 31.56 -22.42 -7.33
C GLY B 170 32.85 -22.87 -6.67
N CYS B 171 33.48 -22.00 -5.90
CA CYS B 171 34.74 -22.35 -5.24
C CYS B 171 34.51 -23.39 -4.13
N PHE B 172 33.38 -23.30 -3.43
CA PHE B 172 33.08 -24.27 -2.37
C PHE B 172 32.81 -25.65 -2.95
N VAL B 173 32.03 -25.72 -4.04
CA VAL B 173 31.74 -27.01 -4.68
C VAL B 173 33.00 -27.59 -5.32
N THR B 174 33.84 -26.73 -5.90
CA THR B 174 35.12 -27.19 -6.46
C THR B 174 36.05 -27.72 -5.37
N SER B 175 36.07 -27.07 -4.20
CA SER B 175 36.90 -27.56 -3.10
C SER B 175 36.38 -28.89 -2.56
N PHE B 176 35.06 -29.04 -2.41
CA PHE B 176 34.49 -30.30 -1.95
C PHE B 176 34.74 -31.42 -2.94
N ILE B 177 34.64 -31.12 -4.24
CA ILE B 177 34.94 -32.09 -5.28
C ILE B 177 36.44 -32.40 -5.30
N THR B 178 37.30 -31.46 -4.89
CA THR B 178 38.73 -31.72 -4.77
C THR B 178 39.03 -32.71 -3.65
N GLU B 179 38.38 -32.56 -2.49
CA GLU B 179 38.54 -33.58 -1.43
C GLU B 179 38.00 -34.94 -1.88
N LEU B 180 36.87 -34.94 -2.60
CA LEU B 180 36.33 -36.19 -3.13
C LEU B 180 37.28 -36.85 -4.12
N VAL B 181 37.94 -36.04 -4.97
CA VAL B 181 38.91 -36.54 -5.92
C VAL B 181 40.12 -37.13 -5.21
N LEU B 182 40.59 -36.47 -4.14
CA LEU B 182 41.77 -36.94 -3.42
C LEU B 182 41.52 -38.27 -2.71
N MET B 183 40.42 -38.36 -1.95
CA MET B 183 40.14 -39.63 -1.28
C MET B 183 39.37 -40.63 -2.14
N LEU B 184 39.15 -40.34 -3.42
CA LEU B 184 38.91 -41.42 -4.37
C LEU B 184 40.20 -41.90 -5.03
N LEU B 185 41.16 -40.99 -5.23
CA LEU B 185 42.45 -41.36 -5.82
C LEU B 185 43.24 -42.27 -4.89
N PHE B 186 43.19 -42.00 -3.57
CA PHE B 186 43.90 -42.85 -2.61
C PHE B 186 43.35 -44.27 -2.60
N LEU B 187 42.02 -44.41 -2.57
CA LEU B 187 41.40 -45.73 -2.59
C LEU B 187 41.58 -46.42 -3.93
N THR B 188 41.60 -45.66 -5.04
CA THR B 188 41.85 -46.25 -6.35
C THR B 188 43.27 -46.78 -6.46
N ILE B 189 44.24 -46.06 -5.91
CA ILE B 189 45.63 -46.53 -5.90
C ILE B 189 45.76 -47.80 -5.05
N LEU B 190 45.10 -47.82 -3.88
CA LEU B 190 45.16 -49.00 -3.02
C LEU B 190 44.50 -50.22 -3.65
N ALA B 191 43.32 -50.02 -4.27
CA ALA B 191 42.63 -51.13 -4.92
C ALA B 191 43.35 -51.60 -6.18
N PHE B 192 43.98 -50.68 -6.92
CA PHE B 192 44.78 -51.04 -8.08
C PHE B 192 45.98 -51.88 -7.68
N CYS B 193 46.65 -51.49 -6.58
CA CYS B 193 47.79 -52.27 -6.08
C CYS B 193 47.34 -53.65 -5.61
N SER B 194 46.19 -53.72 -4.93
CA SER B 194 45.66 -55.01 -4.48
C SER B 194 45.31 -55.93 -5.66
N ALA B 195 44.65 -55.37 -6.69
CA ALA B 195 44.28 -56.17 -7.86
C ALA B 195 45.51 -56.63 -8.63
N VAL B 196 46.51 -55.76 -8.79
CA VAL B 196 47.73 -56.11 -9.50
C VAL B 196 48.51 -57.17 -8.74
N LEU B 197 48.54 -57.08 -7.41
CA LEU B 197 49.28 -58.06 -6.62
C LEU B 197 48.58 -59.41 -6.57
N LEU B 198 47.23 -59.44 -6.56
CA LEU B 198 46.53 -60.72 -6.71
C LEU B 198 46.70 -61.30 -8.12
N ILE B 199 46.76 -60.43 -9.13
CA ILE B 199 47.04 -60.88 -10.50
C ILE B 199 48.42 -61.50 -10.59
N ILE B 200 49.40 -60.90 -9.90
CA ILE B 200 50.77 -61.43 -9.84
C ILE B 200 50.78 -62.79 -9.15
N TYR B 201 50.03 -62.92 -8.04
CA TYR B 201 49.94 -64.19 -7.32
C TYR B 201 49.31 -65.30 -8.17
N ARG B 202 48.26 -64.97 -8.92
CA ARG B 202 47.63 -65.98 -9.77
C ARG B 202 48.46 -66.30 -11.01
N ILE B 203 49.21 -65.32 -11.52
CA ILE B 203 50.06 -65.56 -12.69
C ILE B 203 51.25 -66.43 -12.31
N GLY B 204 51.85 -66.19 -11.14
CA GLY B 204 53.01 -66.94 -10.71
C GLY B 204 52.74 -68.39 -10.38
N GLN B 205 51.48 -68.75 -10.13
CA GLN B 205 51.12 -70.16 -9.93
C GLN B 205 51.25 -70.95 -11.22
N GLU B 206 50.74 -70.39 -12.33
CA GLU B 206 50.76 -71.07 -13.62
C GLU B 206 52.10 -70.93 -14.33
N PHE B 207 53.01 -70.10 -13.83
CA PHE B 207 54.31 -69.92 -14.46
C PHE B 207 55.35 -70.87 -13.86
N PRO C 22 38.47 -23.29 10.32
CA PRO C 22 37.76 -23.55 9.06
C PRO C 22 38.46 -24.60 8.20
N GLN C 23 39.68 -24.29 7.76
CA GLN C 23 40.42 -25.24 6.93
C GLN C 23 40.97 -26.40 7.74
N LEU C 24 41.17 -26.19 9.06
CA LEU C 24 41.76 -27.23 9.90
C LEU C 24 40.82 -28.42 10.09
N CYS C 25 39.52 -28.14 10.32
CA CYS C 25 38.54 -29.22 10.41
C CYS C 25 38.37 -29.92 9.06
N TYR C 26 38.45 -29.16 7.97
CA TYR C 26 38.33 -29.73 6.63
C TYR C 26 39.51 -30.63 6.31
N ILE C 27 40.70 -30.31 6.83
CA ILE C 27 41.83 -31.22 6.74
C ILE C 27 41.61 -32.43 7.64
N LEU C 28 41.07 -32.21 8.85
CA LEU C 28 40.91 -33.27 9.84
C LEU C 28 39.91 -34.35 9.44
N ASP C 29 38.93 -34.03 8.58
CA ASP C 29 38.06 -35.10 8.09
C ASP C 29 38.83 -36.10 7.21
N ALA C 30 39.89 -35.67 6.54
CA ALA C 30 40.70 -36.60 5.73
C ALA C 30 41.45 -37.59 6.60
N ILE C 31 42.05 -37.13 7.70
CA ILE C 31 42.76 -38.06 8.59
C ILE C 31 41.76 -38.92 9.38
N LEU C 32 40.55 -38.40 9.65
CA LEU C 32 39.51 -39.23 10.24
C LEU C 32 39.09 -40.36 9.28
N PHE C 33 38.96 -40.04 7.99
CA PHE C 33 38.66 -41.06 6.98
C PHE C 33 39.78 -42.09 6.87
N LEU C 34 41.03 -41.62 6.93
CA LEU C 34 42.19 -42.53 6.87
C LEU C 34 42.22 -43.46 8.07
N TYR C 35 41.95 -42.92 9.27
CA TYR C 35 41.91 -43.74 10.48
C TYR C 35 40.79 -44.76 10.43
N GLY C 36 39.61 -44.37 9.92
CA GLY C 36 38.51 -45.31 9.80
C GLY C 36 38.80 -46.42 8.81
N ILE C 37 39.42 -46.07 7.68
CA ILE C 37 39.78 -47.06 6.65
C ILE C 37 40.80 -48.05 7.19
N VAL C 38 41.84 -47.53 7.88
CA VAL C 38 42.86 -48.39 8.48
C VAL C 38 42.25 -49.29 9.54
N LEU C 39 41.29 -48.76 10.31
CA LEU C 39 40.61 -49.53 11.34
C LEU C 39 39.78 -50.69 10.79
N THR C 40 38.99 -50.47 9.72
CA THR C 40 38.21 -51.59 9.21
C THR C 40 39.09 -52.59 8.46
N LEU C 41 40.14 -52.10 7.78
CA LEU C 41 41.07 -53.00 7.11
C LEU C 41 41.89 -53.83 8.07
N LEU C 42 42.13 -53.33 9.28
CA LEU C 42 42.82 -54.12 10.29
C LEU C 42 41.89 -55.02 11.09
N TYR C 43 40.62 -54.63 11.24
CA TYR C 43 39.67 -55.48 11.95
C TYR C 43 39.20 -56.67 11.12
N CYS C 44 39.13 -56.51 9.79
CA CYS C 44 38.69 -57.62 8.95
C CYS C 44 39.70 -58.77 8.94
N ARG C 45 40.99 -58.46 9.04
CA ARG C 45 42.02 -59.50 9.09
C ARG C 45 41.91 -60.33 10.37
N LEU C 46 41.66 -59.67 11.51
CA LEU C 46 41.44 -60.42 12.74
C LEU C 46 40.14 -61.21 12.69
N LYS C 47 39.13 -60.68 12.01
CA LYS C 47 37.87 -61.40 11.84
C LYS C 47 38.05 -62.69 11.04
N ILE C 48 38.77 -62.62 9.92
CA ILE C 48 38.95 -63.82 9.10
C ILE C 48 39.92 -64.79 9.79
N GLN C 49 40.91 -64.29 10.53
CA GLN C 49 41.81 -65.18 11.26
C GLN C 49 41.09 -65.91 12.38
N VAL C 50 40.18 -65.23 13.08
CA VAL C 50 39.40 -65.86 14.15
C VAL C 50 38.42 -66.88 13.56
N ARG C 51 37.78 -66.53 12.42
CA ARG C 51 36.87 -67.47 11.76
C ARG C 51 37.61 -68.70 11.23
N LYS C 52 38.83 -68.51 10.72
CA LYS C 52 39.65 -69.64 10.27
C LYS C 52 40.11 -70.50 11.43
N ALA C 53 40.38 -69.88 12.59
CA ALA C 53 40.68 -70.67 13.78
C ALA C 53 39.47 -71.49 14.23
N ASP C 54 38.26 -70.91 14.12
CA ASP C 54 37.03 -71.65 14.44
C ASP C 54 36.81 -72.81 13.48
N ILE C 55 37.08 -72.59 12.18
CA ILE C 55 36.86 -73.64 11.19
C ILE C 55 38.00 -74.65 11.15
N ALA C 56 39.15 -74.34 11.74
CA ALA C 56 40.26 -75.29 11.82
C ALA C 56 40.19 -76.13 13.10
N SER C 57 39.74 -75.54 14.21
CA SER C 57 39.60 -76.29 15.44
C SER C 57 38.35 -77.17 15.47
N ARG C 58 37.45 -77.01 14.51
CA ARG C 58 36.23 -77.81 14.44
C ARG C 58 36.54 -79.23 13.97
N VAL D 26 -49.95 21.89 -30.12
CA VAL D 26 -48.90 22.85 -29.85
C VAL D 26 -47.53 22.23 -30.10
N ASN D 27 -46.75 22.85 -30.97
CA ASN D 27 -45.42 22.36 -31.28
C ASN D 27 -44.45 22.69 -30.14
N ILE D 28 -43.33 21.98 -30.13
CA ILE D 28 -42.31 22.11 -29.09
C ILE D 28 -41.12 22.86 -29.69
N THR D 29 -40.77 23.99 -29.07
CA THR D 29 -39.65 24.81 -29.54
C THR D 29 -38.47 24.61 -28.61
N LYS D 30 -37.36 24.13 -29.17
CA LYS D 30 -36.16 23.90 -28.37
C LYS D 30 -35.35 25.18 -28.27
N PRO D 31 -35.04 25.65 -27.06
CA PRO D 31 -34.16 26.80 -26.91
C PRO D 31 -32.69 26.38 -26.89
N THR D 32 -31.82 27.38 -26.94
CA THR D 32 -30.38 27.17 -26.91
C THR D 32 -29.86 27.55 -25.52
N VAL D 33 -29.12 26.64 -24.90
CA VAL D 33 -28.67 26.81 -23.52
C VAL D 33 -27.15 26.86 -23.52
N ASP D 34 -26.59 27.95 -22.99
CA ASP D 34 -25.17 28.13 -22.81
C ASP D 34 -24.82 28.13 -21.32
N LEU D 35 -23.53 27.96 -21.02
CA LEU D 35 -23.05 27.97 -19.65
C LEU D 35 -21.69 28.66 -19.64
N LEU D 36 -21.67 29.94 -19.29
CA LEU D 36 -20.47 30.75 -19.28
C LEU D 36 -20.15 31.19 -17.86
N HIS D 37 -18.89 31.55 -17.62
CA HIS D 37 -18.47 31.94 -16.29
C HIS D 37 -17.25 32.85 -16.36
N SER D 38 -16.96 33.51 -15.24
CA SER D 38 -15.78 34.35 -15.10
C SER D 38 -14.61 33.52 -14.58
N SER D 39 -13.46 34.17 -14.46
CA SER D 39 -12.21 33.48 -14.11
C SER D 39 -11.69 33.98 -12.77
N CYS D 40 -10.62 33.35 -12.31
CA CYS D 40 -9.96 33.72 -11.06
C CYS D 40 -9.12 34.98 -11.25
N ASP D 41 -8.95 35.72 -10.16
CA ASP D 41 -8.11 36.91 -10.15
C ASP D 41 -7.22 36.88 -8.91
N PRO D 42 -5.91 36.68 -9.07
CA PRO D 42 -5.01 36.72 -7.90
C PRO D 42 -4.95 38.06 -7.17
N ASN D 43 -5.21 39.17 -7.86
CA ASN D 43 -5.14 40.50 -7.26
C ASN D 43 -6.47 40.94 -6.67
N ALA D 44 -7.37 40.02 -6.37
CA ALA D 44 -8.66 40.32 -5.77
C ALA D 44 -8.81 39.56 -4.46
N PHE D 45 -9.80 39.96 -3.68
CA PHE D 45 -9.98 39.44 -2.33
C PHE D 45 -11.34 38.78 -2.10
N HIS D 46 -12.23 38.80 -3.09
CA HIS D 46 -13.56 38.22 -2.91
C HIS D 46 -13.54 36.70 -2.99
N SER D 47 -12.70 36.15 -3.86
CA SER D 47 -12.51 34.70 -4.07
C SER D 47 -13.82 33.99 -4.45
N THR D 48 -14.60 34.61 -5.35
CA THR D 48 -15.83 34.02 -5.85
C THR D 48 -15.76 33.85 -7.36
N ILE D 49 -16.50 32.86 -7.86
CA ILE D 49 -16.66 32.62 -9.30
C ILE D 49 -18.14 32.75 -9.64
N GLN D 50 -18.46 33.52 -10.67
CA GLN D 50 -19.83 33.75 -11.10
C GLN D 50 -20.15 32.87 -12.30
N LEU D 51 -21.25 32.13 -12.21
CA LEU D 51 -21.68 31.20 -13.26
C LEU D 51 -22.94 31.73 -13.92
N TYR D 52 -22.94 31.76 -15.26
CA TYR D 52 -24.06 32.27 -16.03
C TYR D 52 -24.60 31.17 -16.93
N CYS D 53 -25.92 30.94 -16.88
CA CYS D 53 -26.60 29.98 -17.76
C CYS D 53 -27.58 30.75 -18.62
N PHE D 54 -27.23 30.96 -19.89
CA PHE D 54 -28.05 31.74 -20.81
C PHE D 54 -29.04 30.83 -21.53
N VAL D 55 -30.27 31.33 -21.68
CA VAL D 55 -31.34 30.63 -22.40
C VAL D 55 -31.88 31.57 -23.46
N TYR D 56 -31.82 31.14 -24.72
CA TYR D 56 -32.25 31.96 -25.85
C TYR D 56 -33.38 31.26 -26.59
N GLY D 57 -34.47 31.98 -26.82
CA GLY D 57 -35.56 31.48 -27.65
C GLY D 57 -36.65 30.73 -26.92
N HIS D 58 -36.80 30.91 -25.61
CA HIS D 58 -37.85 30.23 -24.86
C HIS D 58 -39.17 30.98 -24.99
N ILE D 59 -40.22 30.44 -24.38
CA ILE D 59 -41.54 31.04 -24.36
C ILE D 59 -41.71 31.80 -23.05
N GLN D 60 -42.48 32.88 -23.10
CA GLN D 60 -42.67 33.72 -21.92
C GLN D 60 -43.46 33.00 -20.84
N ASN D 61 -43.01 33.18 -19.59
CA ASN D 61 -43.63 32.61 -18.37
C ASN D 61 -43.70 31.09 -18.40
N ASP D 62 -42.78 30.45 -19.11
CA ASP D 62 -42.74 28.99 -19.18
C ASP D 62 -41.30 28.50 -19.13
N VAL D 63 -40.48 29.11 -18.28
CA VAL D 63 -39.08 28.71 -18.12
C VAL D 63 -38.77 28.62 -16.63
N SER D 64 -37.80 27.76 -16.30
CA SER D 64 -37.35 27.58 -14.92
C SER D 64 -35.98 26.94 -14.97
N ILE D 65 -35.01 27.57 -14.30
CA ILE D 65 -33.62 27.12 -14.32
C ILE D 65 -33.25 26.69 -12.91
N HIS D 66 -32.80 25.44 -12.76
CA HIS D 66 -32.34 24.89 -11.50
C HIS D 66 -30.89 24.47 -11.63
N TRP D 67 -30.15 24.60 -10.53
CA TRP D 67 -28.71 24.39 -10.53
C TRP D 67 -28.36 23.13 -9.76
N LEU D 68 -27.32 22.43 -10.23
CA LEU D 68 -26.83 21.22 -9.61
C LEU D 68 -25.32 21.26 -9.53
N MET D 69 -24.77 20.50 -8.59
CA MET D 69 -23.32 20.32 -8.48
C MET D 69 -23.09 18.87 -8.10
N ASP D 70 -22.59 18.09 -9.07
CA ASP D 70 -22.31 16.65 -8.94
C ASP D 70 -23.52 15.87 -8.47
N ASP D 71 -24.62 16.00 -9.23
CA ASP D 71 -25.92 15.38 -9.00
C ASP D 71 -26.53 15.74 -7.65
N ARG D 72 -26.17 16.88 -7.07
CA ARG D 72 -26.71 17.33 -5.80
C ARG D 72 -27.25 18.74 -5.99
N LYS D 73 -28.53 18.93 -5.67
CA LYS D 73 -29.19 20.21 -5.93
C LYS D 73 -28.72 21.27 -4.95
N ILE D 74 -28.54 22.49 -5.47
CA ILE D 74 -28.07 23.62 -4.68
C ILE D 74 -29.29 24.41 -4.25
N TYR D 75 -29.72 24.21 -3.01
CA TYR D 75 -30.88 24.92 -2.48
C TYR D 75 -30.51 26.27 -1.88
N GLU D 76 -29.38 26.34 -1.19
CA GLU D 76 -29.01 27.54 -0.44
C GLU D 76 -28.06 28.41 -1.27
N THR D 77 -28.61 28.99 -2.34
CA THR D 77 -27.82 29.93 -3.14
C THR D 77 -28.55 31.23 -3.41
N HIS D 78 -29.90 31.16 -3.49
CA HIS D 78 -30.77 32.27 -3.90
C HIS D 78 -30.32 32.89 -5.22
N ALA D 79 -30.38 32.07 -6.27
CA ALA D 79 -29.92 32.50 -7.60
C ALA D 79 -30.88 33.54 -8.19
N GLN D 80 -30.32 34.46 -8.96
CA GLN D 80 -31.06 35.59 -9.52
C GLN D 80 -31.35 35.34 -10.99
N ASN D 81 -32.60 35.59 -11.38
CA ASN D 81 -33.06 35.37 -12.75
C ASN D 81 -33.33 36.73 -13.41
N VAL D 82 -32.70 36.97 -14.55
CA VAL D 82 -32.74 38.25 -15.24
C VAL D 82 -33.26 38.02 -16.66
N LEU D 83 -34.27 38.79 -17.05
CA LEU D 83 -34.78 38.75 -18.42
C LEU D 83 -33.92 39.63 -19.31
N ILE D 84 -33.72 39.19 -20.56
CA ILE D 84 -32.88 39.92 -21.49
C ILE D 84 -33.74 40.76 -22.43
N LYS D 85 -34.59 40.10 -23.22
CA LYS D 85 -35.42 40.79 -24.20
C LYS D 85 -36.61 39.91 -24.54
N GLU D 86 -37.51 40.46 -25.35
CA GLU D 86 -38.67 39.73 -25.86
C GLU D 86 -38.83 40.01 -27.34
N GLU D 87 -39.00 38.94 -28.13
CA GLU D 87 -39.20 39.04 -29.58
C GLU D 87 -40.51 38.33 -29.91
N GLY D 88 -41.62 39.05 -29.78
CA GLY D 88 -42.93 38.51 -30.06
C GLY D 88 -43.35 37.41 -29.10
N LYS D 89 -43.39 36.17 -29.59
CA LYS D 89 -43.71 35.00 -28.78
C LYS D 89 -42.46 34.34 -28.20
N LEU D 90 -41.29 34.92 -28.41
CA LEU D 90 -40.04 34.38 -27.92
C LEU D 90 -39.34 35.40 -27.04
N ALA D 91 -38.59 34.91 -26.05
CA ALA D 91 -37.88 35.76 -25.11
C ALA D 91 -36.53 35.13 -24.79
N SER D 92 -35.76 35.81 -23.96
CA SER D 92 -34.45 35.33 -23.53
C SER D 92 -34.24 35.69 -22.07
N THR D 93 -33.81 34.71 -21.27
CA THR D 93 -33.51 34.90 -19.86
C THR D 93 -32.20 34.20 -19.52
N TYR D 94 -31.58 34.64 -18.43
CA TYR D 94 -30.43 33.94 -17.88
C TYR D 94 -30.51 33.97 -16.36
N SER D 95 -29.83 33.00 -15.74
CA SER D 95 -29.73 32.89 -14.30
C SER D 95 -28.26 32.90 -13.90
N ARG D 96 -27.97 33.55 -12.77
CA ARG D 96 -26.61 33.71 -12.30
C ARG D 96 -26.43 32.97 -10.97
N LEU D 97 -25.26 32.34 -10.81
CA LEU D 97 -24.91 31.61 -9.60
C LEU D 97 -23.57 32.08 -9.09
N ASN D 98 -23.41 32.12 -7.77
CA ASN D 98 -22.14 32.46 -7.13
C ASN D 98 -21.59 31.22 -6.45
N ILE D 99 -20.35 30.85 -6.79
CA ILE D 99 -19.64 29.76 -6.13
C ILE D 99 -18.27 30.27 -5.70
N THR D 100 -17.69 29.58 -4.74
CA THR D 100 -16.37 29.94 -4.24
C THR D 100 -15.29 29.43 -5.20
N GLN D 101 -14.07 29.93 -5.01
CA GLN D 101 -12.95 29.49 -5.81
C GLN D 101 -12.54 28.07 -5.49
N GLN D 102 -12.69 27.66 -4.23
CA GLN D 102 -12.32 26.31 -3.83
C GLN D 102 -13.27 25.27 -4.40
N GLN D 103 -14.53 25.65 -4.62
CA GLN D 103 -15.48 24.75 -5.29
C GLN D 103 -15.15 24.59 -6.76
N TRP D 104 -14.68 25.66 -7.40
CA TRP D 104 -14.31 25.59 -8.81
C TRP D 104 -13.03 24.81 -9.02
N MET D 105 -12.05 24.99 -8.15
CA MET D 105 -10.75 24.33 -8.31
C MET D 105 -10.76 22.86 -7.92
N SER D 106 -11.86 22.36 -7.37
CA SER D 106 -11.99 20.95 -7.03
C SER D 106 -12.34 20.08 -8.23
N GLU D 107 -12.57 20.70 -9.41
CA GLU D 107 -12.94 20.03 -10.66
C GLU D 107 -14.24 19.24 -10.52
N SER D 108 -15.27 19.93 -10.06
CA SER D 108 -16.63 19.41 -10.02
C SER D 108 -17.43 19.96 -11.19
N THR D 109 -18.45 19.22 -11.58
CA THR D 109 -19.29 19.58 -12.72
C THR D 109 -20.52 20.35 -12.23
N PHE D 110 -20.78 21.50 -12.86
CA PHE D 110 -21.91 22.34 -12.51
C PHE D 110 -22.91 22.34 -13.66
N THR D 111 -24.18 22.09 -13.33
CA THR D 111 -25.23 21.89 -14.31
C THR D 111 -26.35 22.90 -14.08
N CYS D 112 -26.90 23.45 -15.16
CA CYS D 112 -28.16 24.18 -15.11
C CYS D 112 -29.20 23.40 -15.89
N LYS D 113 -30.32 23.10 -15.25
CA LYS D 113 -31.40 22.32 -15.85
C LYS D 113 -32.54 23.27 -16.22
N VAL D 114 -32.89 23.30 -17.50
CA VAL D 114 -33.88 24.22 -18.03
C VAL D 114 -35.15 23.43 -18.30
N THR D 115 -36.26 23.86 -17.69
CA THR D 115 -37.55 23.22 -17.87
C THR D 115 -38.44 24.15 -18.68
N SER D 116 -38.96 23.65 -19.80
CA SER D 116 -39.83 24.43 -20.67
C SER D 116 -40.92 23.51 -21.21
N GLN D 117 -42.17 23.81 -20.86
CA GLN D 117 -43.39 23.10 -21.27
C GLN D 117 -43.39 21.63 -20.83
N GLY D 118 -42.58 21.26 -19.83
CA GLY D 118 -42.50 19.89 -19.37
C GLY D 118 -41.25 19.13 -19.79
N GLU D 119 -40.55 19.58 -20.83
CA GLU D 119 -39.31 18.94 -21.24
C GLU D 119 -38.12 19.56 -20.51
N ASN D 120 -36.98 18.88 -20.59
CA ASN D 120 -35.78 19.27 -19.87
C ASN D 120 -34.62 19.46 -20.85
N TYR D 121 -33.83 20.50 -20.61
CA TYR D 121 -32.63 20.78 -21.39
C TYR D 121 -31.48 21.03 -20.42
N TRP D 122 -30.26 20.67 -20.84
CA TRP D 122 -29.12 20.62 -19.94
C TRP D 122 -27.92 21.35 -20.53
N ALA D 123 -27.03 21.77 -19.63
CA ALA D 123 -25.74 22.32 -20.00
C ALA D 123 -24.79 22.09 -18.83
N HIS D 124 -23.58 21.60 -19.12
CA HIS D 124 -22.60 21.26 -18.10
C HIS D 124 -21.30 22.00 -18.36
N THR D 125 -20.53 22.21 -17.29
CA THR D 125 -19.23 22.85 -17.40
C THR D 125 -18.31 22.29 -16.31
N ARG D 126 -17.01 22.44 -16.55
CA ARG D 126 -15.97 21.92 -15.66
C ARG D 126 -14.67 22.66 -15.98
N ARG D 127 -13.80 22.75 -14.97
CA ARG D 127 -12.46 23.28 -15.18
C ARG D 127 -11.67 22.39 -16.13
N CYS D 128 -10.96 23.02 -17.07
CA CYS D 128 -10.19 22.26 -18.05
C CYS D 128 -8.97 21.62 -17.40
N SER D 129 -8.74 20.34 -17.72
CA SER D 129 -7.62 19.61 -17.16
C SER D 129 -7.14 18.61 -18.20
N ASP D 130 -6.28 17.68 -17.78
CA ASP D 130 -5.70 16.70 -18.68
C ASP D 130 -6.60 15.47 -18.78
N ASP D 131 -6.10 14.42 -19.42
CA ASP D 131 -6.82 13.16 -19.59
C ASP D 131 -6.33 12.08 -18.64
N GLU D 132 -6.02 12.46 -17.40
CA GLU D 132 -5.45 11.52 -16.44
C GLU D 132 -6.49 10.49 -16.01
N PRO D 133 -6.10 9.20 -15.94
CA PRO D 133 -7.07 8.15 -15.60
C PRO D 133 -7.49 8.16 -14.13
N ARG D 134 -8.57 8.89 -13.82
CA ARG D 134 -9.23 8.89 -12.52
C ARG D 134 -9.47 7.48 -12.00
N GLY D 135 -9.00 7.23 -10.78
CA GLY D 135 -9.13 5.92 -10.18
C GLY D 135 -10.52 5.66 -9.65
N VAL D 136 -10.85 4.37 -9.53
CA VAL D 136 -12.14 3.95 -9.03
C VAL D 136 -12.05 3.71 -7.53
N ILE D 137 -13.15 3.97 -6.83
CA ILE D 137 -13.22 3.88 -5.38
C ILE D 137 -14.34 2.91 -5.03
N THR D 138 -14.10 2.06 -4.03
CA THR D 138 -15.07 1.08 -3.57
C THR D 138 -15.40 1.35 -2.11
N TYR D 139 -16.69 1.41 -1.78
CA TYR D 139 -17.16 1.57 -0.42
C TYR D 139 -18.07 0.39 -0.05
N LEU D 140 -17.91 -0.10 1.17
CA LEU D 140 -18.76 -1.17 1.70
C LEU D 140 -19.32 -0.72 3.04
N ILE D 141 -20.64 -0.68 3.15
CA ILE D 141 -21.29 -0.11 4.33
C ILE D 141 -22.13 -1.17 5.04
N PRO D 142 -22.21 -1.15 6.37
CA PRO D 142 -22.94 -2.19 7.09
C PRO D 142 -24.44 -1.95 7.06
N PRO D 143 -25.25 -2.96 7.37
CA PRO D 143 -26.70 -2.74 7.47
C PRO D 143 -27.08 -1.88 8.66
N SER D 144 -28.21 -1.19 8.52
CA SER D 144 -28.70 -0.32 9.58
C SER D 144 -29.25 -1.15 10.74
N PRO D 145 -29.18 -0.63 11.97
CA PRO D 145 -29.79 -1.35 13.10
C PRO D 145 -31.30 -1.44 13.06
N LEU D 146 -31.97 -0.53 12.35
CA LEU D 146 -33.42 -0.61 12.23
C LEU D 146 -33.85 -1.82 11.40
N ASP D 147 -33.12 -2.10 10.31
CA ASP D 147 -33.40 -3.32 9.56
C ASP D 147 -32.86 -4.55 10.27
N LEU D 148 -31.83 -4.39 11.10
CA LEU D 148 -31.21 -5.52 11.77
C LEU D 148 -32.07 -6.06 12.90
N TYR D 149 -32.63 -5.17 13.71
CA TYR D 149 -33.28 -5.58 14.95
C TYR D 149 -34.78 -5.29 15.01
N GLU D 150 -35.33 -4.53 14.06
CA GLU D 150 -36.77 -4.29 14.04
C GLU D 150 -37.44 -4.81 12.77
N ASN D 151 -36.95 -4.43 11.59
CA ASN D 151 -37.57 -4.87 10.35
C ASN D 151 -37.23 -6.33 10.05
N GLY D 152 -35.98 -6.74 10.27
CA GLY D 152 -35.57 -8.12 10.08
C GLY D 152 -34.92 -8.45 8.76
N THR D 153 -34.71 -7.46 7.88
CA THR D 153 -34.10 -7.68 6.56
C THR D 153 -32.83 -6.83 6.44
N PRO D 154 -31.69 -7.33 6.92
CA PRO D 154 -30.44 -6.58 6.77
C PRO D 154 -29.77 -6.85 5.43
N LYS D 155 -29.29 -5.78 4.81
CA LYS D 155 -28.63 -5.85 3.50
C LYS D 155 -27.30 -5.13 3.56
N LEU D 156 -26.29 -5.69 2.89
CA LEU D 156 -25.02 -5.02 2.65
C LEU D 156 -24.99 -4.49 1.23
N THR D 157 -24.40 -3.32 1.05
CA THR D 157 -24.31 -2.69 -0.26
C THR D 157 -22.86 -2.33 -0.57
N CYS D 158 -22.41 -2.71 -1.77
CA CYS D 158 -21.09 -2.37 -2.28
C CYS D 158 -21.26 -1.27 -3.33
N LEU D 159 -20.58 -0.14 -3.12
CA LEU D 159 -20.71 1.02 -3.99
C LEU D 159 -19.41 1.22 -4.76
N VAL D 160 -19.50 1.21 -6.09
CA VAL D 160 -18.34 1.37 -6.96
C VAL D 160 -18.52 2.66 -7.73
N LEU D 161 -17.53 3.54 -7.67
CA LEU D 161 -17.63 4.88 -8.24
C LEU D 161 -16.51 5.11 -9.24
N ASP D 162 -16.70 6.19 -10.03
CA ASP D 162 -15.69 6.75 -10.95
C ASP D 162 -15.28 5.75 -12.03
N LEU D 163 -16.28 5.14 -12.66
CA LEU D 163 -16.04 4.25 -13.79
C LEU D 163 -16.35 4.97 -15.09
N GLU D 164 -15.50 4.75 -16.09
CA GLU D 164 -15.73 5.37 -17.40
C GLU D 164 -16.87 4.68 -18.15
N SER D 165 -17.03 3.37 -17.95
CA SER D 165 -18.13 2.63 -18.55
C SER D 165 -18.45 1.43 -17.65
N GLU D 166 -19.69 0.98 -17.71
CA GLU D 166 -20.18 -0.10 -16.85
C GLU D 166 -19.89 -1.48 -17.42
N GLU D 167 -19.39 -1.58 -18.65
CA GLU D 167 -19.18 -2.89 -19.26
C GLU D 167 -17.95 -3.57 -18.69
N ASN D 168 -18.00 -4.91 -18.70
CA ASN D 168 -16.91 -5.80 -18.28
C ASN D 168 -16.51 -5.61 -16.82
N ILE D 169 -17.47 -5.28 -15.96
CA ILE D 169 -17.25 -5.14 -14.53
C ILE D 169 -18.08 -6.22 -13.84
N THR D 170 -17.41 -7.07 -13.05
CA THR D 170 -18.07 -8.12 -12.28
C THR D 170 -17.87 -7.85 -10.80
N VAL D 171 -18.96 -7.88 -10.04
CA VAL D 171 -18.94 -7.66 -8.60
C VAL D 171 -19.42 -8.95 -7.93
N THR D 172 -18.53 -9.60 -7.19
CA THR D 172 -18.82 -10.87 -6.54
C THR D 172 -18.79 -10.71 -5.02
N TRP D 173 -19.49 -11.62 -4.34
CA TRP D 173 -19.60 -11.64 -2.89
C TRP D 173 -19.15 -13.00 -2.36
N VAL D 174 -18.28 -12.99 -1.35
CA VAL D 174 -17.89 -14.21 -0.65
C VAL D 174 -18.18 -14.02 0.85
N ARG D 175 -18.24 -15.14 1.56
CA ARG D 175 -18.41 -15.17 3.00
C ARG D 175 -17.14 -15.67 3.67
N GLU D 176 -17.20 -15.86 4.99
CA GLU D 176 -16.09 -16.36 5.77
C GLU D 176 -16.37 -17.72 6.39
N ARG D 177 -17.54 -17.89 7.00
CA ARG D 177 -17.87 -19.15 7.67
C ARG D 177 -18.67 -20.08 6.77
N LYS D 178 -19.84 -19.65 6.32
CA LYS D 178 -20.70 -20.46 5.47
C LYS D 178 -20.44 -20.12 4.00
N LYS D 179 -21.25 -20.72 3.12
CA LYS D 179 -21.09 -20.53 1.68
C LYS D 179 -22.34 -20.08 0.95
N SER D 180 -23.53 -20.29 1.51
CA SER D 180 -24.78 -20.03 0.80
C SER D 180 -25.05 -18.54 0.74
N ILE D 181 -24.64 -17.91 -0.35
CA ILE D 181 -24.94 -16.50 -0.60
C ILE D 181 -26.26 -16.37 -1.32
N GLY D 182 -26.98 -15.30 -1.04
CA GLY D 182 -28.20 -14.99 -1.74
C GLY D 182 -27.95 -14.29 -3.07
N SER D 183 -29.05 -14.00 -3.77
CA SER D 183 -28.95 -13.29 -5.03
C SER D 183 -28.67 -11.81 -4.76
N ALA D 184 -27.67 -11.26 -5.44
CA ALA D 184 -27.24 -9.88 -5.26
C ALA D 184 -27.68 -9.07 -6.48
N SER D 185 -28.69 -8.23 -6.29
CA SER D 185 -29.18 -7.38 -7.37
C SER D 185 -28.31 -6.15 -7.49
N GLN D 186 -27.89 -5.83 -8.72
CA GLN D 186 -27.02 -4.70 -8.98
C GLN D 186 -27.68 -3.74 -9.96
N ARG D 187 -27.24 -2.48 -9.89
CA ARG D 187 -27.82 -1.41 -10.68
C ARG D 187 -26.71 -0.46 -11.12
N SER D 188 -26.91 0.19 -12.26
CA SER D 188 -25.92 1.09 -12.84
C SER D 188 -26.53 2.46 -13.06
N THR D 189 -25.75 3.50 -12.80
CA THR D 189 -26.20 4.88 -12.92
C THR D 189 -25.19 5.69 -13.72
N LYS D 190 -25.70 6.49 -14.65
CA LYS D 190 -24.88 7.42 -15.42
C LYS D 190 -25.07 8.82 -14.86
N HIS D 191 -23.95 9.47 -14.51
CA HIS D 191 -23.99 10.75 -13.82
C HIS D 191 -23.79 11.91 -14.79
N HIS D 192 -23.91 13.12 -14.24
CA HIS D 192 -23.72 14.32 -15.04
C HIS D 192 -22.27 14.60 -15.34
N ASN D 193 -21.33 14.07 -14.54
CA ASN D 193 -19.91 14.28 -14.75
C ASN D 193 -19.28 13.23 -15.66
N ALA D 194 -20.10 12.54 -16.47
CA ALA D 194 -19.69 11.49 -17.42
C ALA D 194 -18.94 10.35 -16.73
N THR D 195 -19.42 9.95 -15.55
CA THR D 195 -18.90 8.79 -14.84
C THR D 195 -20.06 7.84 -14.55
N THR D 196 -19.72 6.56 -14.40
CA THR D 196 -20.71 5.52 -14.14
C THR D 196 -20.49 4.95 -12.75
N SER D 197 -21.59 4.68 -12.06
CA SER D 197 -21.57 4.09 -10.73
C SER D 197 -22.34 2.79 -10.72
N ILE D 198 -21.83 1.79 -10.00
CA ILE D 198 -22.45 0.48 -9.89
C ILE D 198 -22.63 0.17 -8.41
N THR D 199 -23.87 -0.12 -8.02
CA THR D 199 -24.19 -0.48 -6.64
C THR D 199 -24.90 -1.83 -6.62
N SER D 200 -24.37 -2.77 -5.85
CA SER D 200 -24.94 -4.10 -5.70
C SER D 200 -25.31 -4.32 -4.25
N ILE D 201 -26.47 -4.94 -4.02
CA ILE D 201 -27.03 -5.11 -2.68
C ILE D 201 -27.16 -6.61 -2.40
N LEU D 202 -26.54 -7.05 -1.31
CA LEU D 202 -26.58 -8.46 -0.90
C LEU D 202 -27.41 -8.62 0.37
N PRO D 203 -28.56 -9.29 0.32
CA PRO D 203 -29.36 -9.47 1.54
C PRO D 203 -28.81 -10.61 2.40
N VAL D 204 -28.58 -10.31 3.67
CA VAL D 204 -27.98 -11.26 4.61
C VAL D 204 -28.97 -11.56 5.72
N ASP D 205 -28.65 -12.58 6.51
CA ASP D 205 -29.41 -12.94 7.69
C ASP D 205 -28.88 -12.19 8.91
N ALA D 206 -29.77 -11.96 9.88
CA ALA D 206 -29.41 -11.16 11.04
C ALA D 206 -28.45 -11.91 11.96
N LYS D 207 -28.79 -13.15 12.31
CA LYS D 207 -28.11 -13.88 13.37
C LYS D 207 -26.65 -14.18 13.02
N ASP D 208 -26.34 -14.31 11.73
CA ASP D 208 -24.95 -14.39 11.31
C ASP D 208 -24.22 -13.06 11.53
N TRP D 209 -24.93 -11.93 11.47
CA TRP D 209 -24.29 -10.65 11.73
C TRP D 209 -24.12 -10.38 13.21
N ILE D 210 -25.05 -10.80 14.07
CA ILE D 210 -24.80 -10.72 15.51
C ILE D 210 -23.67 -11.67 15.92
N GLU D 211 -23.66 -12.90 15.38
CA GLU D 211 -22.63 -13.87 15.77
C GLU D 211 -21.23 -13.48 15.29
N GLY D 212 -21.12 -12.63 14.28
CA GLY D 212 -19.86 -12.02 13.92
C GLY D 212 -19.12 -12.61 12.75
N GLU D 213 -19.81 -13.04 11.71
CA GLU D 213 -19.12 -13.50 10.50
C GLU D 213 -18.88 -12.32 9.56
N GLY D 214 -17.84 -12.45 8.74
CA GLY D 214 -17.38 -11.37 7.88
C GLY D 214 -17.74 -11.62 6.43
N TYR D 215 -18.01 -10.55 5.70
CA TYR D 215 -18.33 -10.58 4.28
C TYR D 215 -17.28 -9.80 3.50
N GLN D 216 -17.29 -9.99 2.18
CA GLN D 216 -16.23 -9.43 1.35
C GLN D 216 -16.79 -9.20 -0.05
N CYS D 217 -16.51 -8.01 -0.61
CA CYS D 217 -16.97 -7.62 -1.94
C CYS D 217 -15.77 -7.43 -2.84
N ARG D 218 -15.75 -8.12 -3.98
CA ARG D 218 -14.63 -8.09 -4.92
C ARG D 218 -15.09 -7.52 -6.25
N VAL D 219 -14.31 -6.59 -6.79
CA VAL D 219 -14.61 -5.92 -8.06
C VAL D 219 -13.48 -6.24 -9.04
N ASP D 220 -13.85 -6.69 -10.24
CA ASP D 220 -12.87 -7.15 -11.21
C ASP D 220 -13.11 -6.49 -12.55
N HIS D 221 -12.05 -6.46 -13.37
CA HIS D 221 -12.04 -5.90 -14.71
C HIS D 221 -10.89 -6.52 -15.45
N PRO D 222 -11.00 -6.72 -16.78
CA PRO D 222 -9.86 -7.26 -17.54
C PRO D 222 -8.63 -6.37 -17.58
N HIS D 223 -8.78 -5.06 -17.35
CA HIS D 223 -7.65 -4.15 -17.32
C HIS D 223 -7.08 -3.94 -15.91
N PHE D 224 -7.65 -4.59 -14.91
CA PHE D 224 -7.12 -4.47 -13.56
C PHE D 224 -5.97 -5.46 -13.37
N PRO D 225 -4.92 -5.09 -12.64
CA PRO D 225 -3.91 -6.08 -12.30
C PRO D 225 -4.38 -7.08 -11.25
N LYS D 226 -5.13 -6.63 -10.26
CA LYS D 226 -5.71 -7.47 -9.23
C LYS D 226 -7.10 -6.96 -8.91
N PRO D 227 -8.00 -7.82 -8.42
CA PRO D 227 -9.30 -7.34 -7.96
C PRO D 227 -9.19 -6.47 -6.71
N ILE D 228 -10.13 -5.55 -6.58
CA ILE D 228 -10.20 -4.65 -5.43
C ILE D 228 -11.13 -5.28 -4.40
N VAL D 229 -10.61 -5.52 -3.20
CA VAL D 229 -11.28 -6.32 -2.18
C VAL D 229 -11.53 -5.45 -0.96
N ARG D 230 -12.78 -5.39 -0.52
CA ARG D 230 -13.16 -4.71 0.71
C ARG D 230 -13.90 -5.69 1.61
N SER D 231 -13.49 -5.78 2.87
CA SER D 231 -14.08 -6.69 3.84
C SER D 231 -14.73 -5.89 4.95
N ILE D 232 -15.70 -6.53 5.63
CA ILE D 232 -16.46 -5.85 6.68
C ILE D 232 -16.89 -6.88 7.72
N THR D 233 -17.04 -6.41 8.95
CA THR D 233 -17.59 -7.17 10.06
C THR D 233 -18.14 -6.18 11.08
N LYS D 234 -18.74 -6.70 12.15
CA LYS D 234 -19.28 -5.82 13.17
C LYS D 234 -18.14 -5.24 14.02
N ALA D 235 -18.45 -4.15 14.72
CA ALA D 235 -17.43 -3.43 15.46
C ALA D 235 -17.02 -4.18 16.71
N PRO D 236 -15.73 -4.48 16.90
CA PRO D 236 -15.32 -5.24 18.09
C PRO D 236 -15.06 -4.36 19.31
N GLY D 237 -15.55 -4.80 20.46
CA GLY D 237 -15.37 -4.04 21.69
C GLY D 237 -16.30 -4.53 22.77
N LYS D 238 -16.46 -3.69 23.80
CA LYS D 238 -17.34 -3.99 24.93
C LYS D 238 -18.68 -3.30 24.71
N ARG D 239 -19.76 -4.06 24.84
CA ARG D 239 -21.09 -3.53 24.59
C ARG D 239 -21.65 -2.84 25.82
N SER D 240 -22.24 -1.66 25.62
CA SER D 240 -22.87 -0.89 26.68
C SER D 240 -24.24 -0.43 26.21
N ALA D 241 -25.25 -0.65 27.03
CA ALA D 241 -26.60 -0.23 26.69
C ALA D 241 -26.74 1.29 26.84
N PRO D 242 -27.41 1.96 25.93
CA PRO D 242 -27.55 3.42 26.04
C PRO D 242 -28.62 3.81 27.05
N GLU D 243 -28.33 4.87 27.81
CA GLU D 243 -29.30 5.50 28.68
C GLU D 243 -29.77 6.78 28.02
N VAL D 244 -31.06 6.86 27.70
CA VAL D 244 -31.59 8.00 26.98
C VAL D 244 -32.46 8.82 27.91
N TYR D 245 -32.46 10.13 27.68
CA TYR D 245 -33.25 11.08 28.46
C TYR D 245 -33.91 12.06 27.51
N VAL D 246 -35.08 12.55 27.90
CA VAL D 246 -35.82 13.51 27.10
C VAL D 246 -36.01 14.78 27.90
N PHE D 247 -36.12 15.90 27.19
CA PHE D 247 -36.25 17.21 27.81
C PHE D 247 -37.49 17.92 27.27
N LEU D 248 -38.17 18.65 28.15
CA LEU D 248 -39.27 19.49 27.75
C LEU D 248 -38.75 20.71 26.98
N PRO D 249 -39.62 21.40 26.24
CA PRO D 249 -39.24 22.71 25.67
C PRO D 249 -38.85 23.68 26.76
N PRO D 250 -37.82 24.50 26.52
CA PRO D 250 -37.26 25.36 27.58
C PRO D 250 -38.22 26.44 28.06
N GLU D 251 -38.07 26.79 29.34
CA GLU D 251 -38.99 27.72 30.01
C GLU D 251 -38.89 29.14 29.48
N GLU D 252 -37.77 29.50 28.84
CA GLU D 252 -37.65 30.79 28.21
C GLU D 252 -38.26 30.83 26.81
N GLU D 253 -38.72 29.70 26.29
CA GLU D 253 -39.29 29.63 24.96
C GLU D 253 -40.81 29.79 25.05
N GLU D 254 -41.33 30.88 24.47
CA GLU D 254 -42.76 31.07 24.28
C GLU D 254 -43.06 31.60 22.88
N LYS D 255 -42.16 31.38 21.93
CA LYS D 255 -42.30 31.86 20.57
C LYS D 255 -43.18 30.88 19.77
N ASP D 256 -43.18 31.04 18.45
CA ASP D 256 -44.04 30.26 17.58
C ASP D 256 -43.58 28.82 17.39
N LYS D 257 -42.37 28.47 17.82
CA LYS D 257 -41.85 27.12 17.63
C LYS D 257 -41.39 26.54 18.96
N ARG D 258 -41.45 25.22 19.06
CA ARG D 258 -41.05 24.50 20.27
C ARG D 258 -40.02 23.45 19.91
N THR D 259 -38.94 23.39 20.69
CA THR D 259 -37.84 22.48 20.43
C THR D 259 -37.85 21.36 21.46
N LEU D 260 -37.78 20.12 20.97
CA LEU D 260 -37.74 18.93 21.82
C LEU D 260 -36.40 18.25 21.66
N THR D 261 -35.86 17.74 22.76
CA THR D 261 -34.52 17.18 22.81
C THR D 261 -34.55 15.76 23.34
N CYS D 262 -33.59 14.95 22.87
CA CYS D 262 -33.45 13.56 23.29
C CYS D 262 -31.96 13.26 23.38
N LEU D 263 -31.43 13.24 24.60
CA LEU D 263 -30.02 12.96 24.82
C LEU D 263 -29.83 11.46 25.01
N ILE D 264 -29.01 10.85 24.15
CA ILE D 264 -28.67 9.44 24.22
C ILE D 264 -27.17 9.36 24.45
N GLN D 265 -26.75 8.67 25.51
CA GLN D 265 -25.34 8.61 25.87
C GLN D 265 -24.99 7.23 26.39
N ASN D 266 -23.68 7.02 26.54
CA ASN D 266 -23.08 5.84 27.18
C ASN D 266 -23.44 4.54 26.43
N PHE D 267 -23.02 4.49 25.16
CA PHE D 267 -23.22 3.28 24.37
C PHE D 267 -21.97 2.99 23.54
N PHE D 268 -21.78 1.70 23.22
CA PHE D 268 -20.80 1.22 22.27
C PHE D 268 -21.42 0.01 21.59
N PRO D 269 -21.30 -0.10 20.25
CA PRO D 269 -20.64 0.80 19.30
C PRO D 269 -21.52 1.98 18.87
N GLU D 270 -21.07 2.78 17.90
CA GLU D 270 -21.77 4.00 17.52
C GLU D 270 -22.93 3.75 16.56
N ASP D 271 -23.16 2.51 16.13
CA ASP D 271 -24.28 2.20 15.26
C ASP D 271 -25.57 2.23 16.07
N ILE D 272 -26.43 3.21 15.77
CA ILE D 272 -27.65 3.42 16.54
C ILE D 272 -28.69 4.04 15.63
N SER D 273 -29.96 3.89 15.99
CA SER D 273 -31.07 4.41 15.21
C SER D 273 -32.04 5.14 16.12
N VAL D 274 -32.34 6.39 15.79
CA VAL D 274 -33.26 7.23 16.56
C VAL D 274 -34.40 7.65 15.65
N GLN D 275 -35.63 7.45 16.11
CA GLN D 275 -36.80 7.93 15.38
C GLN D 275 -37.82 8.47 16.36
N TRP D 276 -38.50 9.54 15.95
CA TRP D 276 -39.52 10.18 16.76
C TRP D 276 -40.91 9.68 16.36
N LEU D 277 -41.83 9.72 17.33
CA LEU D 277 -43.19 9.22 17.13
C LEU D 277 -44.17 10.27 17.67
N GLN D 278 -45.03 10.78 16.79
CA GLN D 278 -46.05 11.76 17.18
C GLN D 278 -47.38 11.03 17.28
N ASP D 279 -47.79 10.73 18.52
CA ASP D 279 -49.04 10.04 18.85
C ASP D 279 -49.13 8.67 18.16
N SER D 280 -48.09 7.87 18.37
CA SER D 280 -47.89 6.53 17.79
C SER D 280 -47.88 6.54 16.26
N LYS D 281 -47.52 7.66 15.64
CA LYS D 281 -47.33 7.76 14.21
C LYS D 281 -45.91 8.21 13.92
N LEU D 282 -45.28 7.59 12.93
CA LEU D 282 -43.89 7.89 12.61
C LEU D 282 -43.75 9.29 11.99
N ILE D 283 -42.64 9.94 12.31
CA ILE D 283 -42.31 11.25 11.79
C ILE D 283 -41.23 11.04 10.74
N PRO D 284 -41.31 11.69 9.57
CA PRO D 284 -40.27 11.51 8.54
C PRO D 284 -38.91 12.01 8.99
N LYS D 285 -37.86 11.40 8.42
CA LYS D 285 -36.49 11.66 8.85
C LYS D 285 -36.00 13.05 8.46
N SER D 286 -36.69 13.72 7.54
CA SER D 286 -36.30 15.08 7.16
C SER D 286 -36.84 16.14 8.12
N GLN D 287 -37.66 15.75 9.09
CA GLN D 287 -38.23 16.69 10.05
C GLN D 287 -37.43 16.78 11.34
N HIS D 288 -36.39 15.97 11.50
CA HIS D 288 -35.54 16.03 12.68
C HIS D 288 -34.10 15.72 12.29
N SER D 289 -33.17 16.15 13.13
CA SER D 289 -31.75 15.98 12.88
C SER D 289 -31.07 15.36 14.09
N THR D 290 -29.94 14.68 13.84
CA THR D 290 -29.17 14.02 14.87
C THR D 290 -27.70 14.35 14.66
N THR D 291 -26.99 14.61 15.77
CA THR D 291 -25.60 15.01 15.69
C THR D 291 -24.68 13.80 15.49
N THR D 292 -23.45 14.09 15.07
CA THR D 292 -22.43 13.06 14.90
C THR D 292 -21.99 12.55 16.27
N PRO D 293 -21.81 11.23 16.43
CA PRO D 293 -21.34 10.69 17.70
C PRO D 293 -19.95 11.20 18.08
N LEU D 294 -19.77 11.45 19.38
CA LEU D 294 -18.54 12.01 19.92
C LEU D 294 -18.02 11.09 21.02
N LYS D 295 -16.73 10.77 20.96
CA LYS D 295 -16.13 9.84 21.89
C LYS D 295 -15.70 10.54 23.16
N TYR D 296 -15.78 9.83 24.29
CA TYR D 296 -15.41 10.35 25.59
C TYR D 296 -15.03 9.18 26.49
N ASN D 297 -15.00 9.43 27.80
CA ASN D 297 -14.79 8.48 28.90
C ASN D 297 -13.38 7.93 28.99
N GLY D 298 -12.41 8.53 28.30
CA GLY D 298 -11.00 8.22 28.49
C GLY D 298 -10.58 6.82 28.08
N SER D 299 -10.64 6.54 26.77
CA SER D 299 -10.31 5.26 26.16
C SER D 299 -11.17 4.11 26.67
N ASN D 300 -12.37 4.42 27.17
CA ASN D 300 -13.37 3.40 27.50
C ASN D 300 -14.35 3.18 26.38
N GLN D 301 -14.25 3.96 25.30
CA GLN D 301 -15.02 3.82 24.06
C GLN D 301 -16.52 3.95 24.32
N ARG D 302 -16.92 5.16 24.71
CA ARG D 302 -18.32 5.51 24.87
C ARG D 302 -18.65 6.66 23.94
N PHE D 303 -19.93 6.73 23.53
CA PHE D 303 -20.40 7.73 22.60
C PHE D 303 -21.64 8.41 23.14
N PHE D 304 -21.90 9.62 22.66
CA PHE D 304 -23.16 10.30 22.94
C PHE D 304 -23.61 11.05 21.69
N ILE D 305 -24.93 11.14 21.52
CA ILE D 305 -25.53 11.91 20.44
C ILE D 305 -26.65 12.75 21.02
N PHE D 306 -27.08 13.74 20.25
CA PHE D 306 -28.25 14.54 20.57
C PHE D 306 -29.22 14.48 19.40
N SER D 307 -30.50 14.32 19.71
CA SER D 307 -31.56 14.32 18.72
C SER D 307 -32.45 15.54 18.96
N ARG D 308 -32.67 16.32 17.90
CA ARG D 308 -33.44 17.55 17.98
C ARG D 308 -34.59 17.51 17.00
N LEU D 309 -35.79 17.82 17.48
CA LEU D 309 -36.97 17.91 16.62
C LEU D 309 -37.75 19.15 17.02
N GLU D 310 -37.89 20.09 16.09
CA GLU D 310 -38.53 21.37 16.33
C GLU D 310 -39.90 21.38 15.65
N VAL D 311 -40.96 21.58 16.44
CA VAL D 311 -42.30 21.69 15.93
C VAL D 311 -42.83 23.08 16.23
N THR D 312 -43.92 23.45 15.56
CA THR D 312 -44.53 24.74 15.78
C THR D 312 -45.40 24.72 17.03
N LYS D 313 -45.93 25.90 17.38
CA LYS D 313 -46.77 26.03 18.55
C LYS D 313 -48.14 25.37 18.33
N ALA D 314 -48.65 25.43 17.10
CA ALA D 314 -49.95 24.84 16.81
C ALA D 314 -49.91 23.32 16.88
N LEU D 315 -48.82 22.70 16.41
CA LEU D 315 -48.67 21.26 16.52
C LEU D 315 -48.44 20.84 17.96
N TRP D 316 -47.75 21.69 18.75
CA TRP D 316 -47.50 21.36 20.15
C TRP D 316 -48.77 21.47 20.98
N THR D 317 -49.63 22.44 20.67
CA THR D 317 -50.82 22.70 21.47
C THR D 317 -52.03 21.86 21.07
N GLN D 318 -51.84 20.82 20.26
CA GLN D 318 -52.92 19.96 19.82
C GLN D 318 -53.04 18.68 20.65
N THR D 319 -52.66 18.77 21.93
CA THR D 319 -52.57 17.69 22.95
C THR D 319 -52.07 16.35 22.37
N LYS D 320 -50.88 16.41 21.78
CA LYS D 320 -50.22 15.21 21.28
C LYS D 320 -49.47 14.52 22.43
N GLN D 321 -48.65 13.53 22.08
CA GLN D 321 -47.81 12.84 23.05
C GLN D 321 -46.60 12.28 22.30
N PHE D 322 -45.47 12.99 22.39
CA PHE D 322 -44.31 12.65 21.60
C PHE D 322 -43.51 11.53 22.25
N THR D 323 -42.65 10.90 21.46
CA THR D 323 -41.92 9.71 21.89
C THR D 323 -40.61 9.62 21.12
N CYS D 324 -39.50 9.47 21.85
CA CYS D 324 -38.18 9.28 21.26
C CYS D 324 -37.82 7.80 21.39
N ARG D 325 -37.72 7.10 20.26
CA ARG D 325 -37.49 5.66 20.23
C ARG D 325 -36.08 5.37 19.71
N VAL D 326 -35.35 4.55 20.45
CA VAL D 326 -33.95 4.24 20.18
C VAL D 326 -33.79 2.73 20.07
N ILE D 327 -33.14 2.28 19.00
CA ILE D 327 -32.83 0.86 18.80
C ILE D 327 -31.32 0.71 18.78
N HIS D 328 -30.79 -0.14 19.66
CA HIS D 328 -29.37 -0.41 19.76
C HIS D 328 -29.14 -1.91 19.89
N GLU D 329 -27.94 -2.34 19.52
CA GLU D 329 -27.57 -3.76 19.61
C GLU D 329 -27.50 -4.22 21.07
N ALA D 330 -26.90 -3.41 21.94
CA ALA D 330 -26.62 -3.81 23.31
C ALA D 330 -27.85 -3.80 24.22
N LEU D 331 -28.99 -3.31 23.73
CA LEU D 331 -30.20 -3.29 24.53
C LEU D 331 -30.76 -4.69 24.73
N ARG D 332 -31.59 -4.84 25.75
CA ARG D 332 -32.29 -6.09 26.00
C ARG D 332 -33.42 -6.25 25.00
N GLU D 333 -33.79 -7.51 24.75
CA GLU D 333 -34.74 -7.83 23.69
C GLU D 333 -36.13 -7.30 24.02
N PRO D 334 -36.89 -6.81 23.01
CA PRO D 334 -36.61 -6.78 21.56
C PRO D 334 -35.86 -5.55 21.06
N ARG D 335 -34.93 -5.02 21.85
CA ARG D 335 -33.93 -4.01 21.45
C ARG D 335 -34.59 -2.69 21.00
N LYS D 336 -35.38 -2.13 21.91
CA LYS D 336 -35.95 -0.80 21.69
C LYS D 336 -36.15 -0.12 23.04
N LEU D 337 -36.20 1.20 23.01
CA LEU D 337 -36.29 2.01 24.23
C LEU D 337 -37.00 3.31 23.89
N GLU D 338 -38.11 3.57 24.56
CA GLU D 338 -38.91 4.77 24.30
C GLU D 338 -39.08 5.59 25.57
N ARG D 339 -38.98 6.90 25.43
CA ARG D 339 -39.30 7.85 26.48
C ARG D 339 -40.40 8.78 26.00
N THR D 340 -41.30 9.16 26.91
CA THR D 340 -42.52 9.87 26.56
C THR D 340 -42.44 11.31 27.05
N ILE D 341 -42.67 12.26 26.15
CA ILE D 341 -42.78 13.68 26.49
C ILE D 341 -44.25 14.06 26.35
N SER D 342 -44.87 14.42 27.46
CA SER D 342 -46.25 14.88 27.47
C SER D 342 -46.34 16.19 28.23
N LYS D 343 -47.15 17.13 27.70
CA LYS D 343 -47.26 18.44 28.33
C LYS D 343 -48.12 18.42 29.58
N SER D 344 -48.98 17.41 29.74
CA SER D 344 -49.79 17.31 30.96
C SER D 344 -48.99 16.78 32.13
N LEU D 345 -48.06 15.86 31.89
CA LEU D 345 -47.26 15.27 32.95
C LEU D 345 -45.79 15.65 32.81
N THR E 29 -20.15 58.48 -20.64
CA THR E 29 -20.72 57.32 -19.96
C THR E 29 -19.66 56.24 -19.76
N LYS E 30 -19.94 55.31 -18.84
CA LYS E 30 -19.03 54.21 -18.54
C LYS E 30 -19.69 52.88 -18.88
N PRO E 31 -19.39 52.30 -20.04
CA PRO E 31 -19.91 50.95 -20.35
C PRO E 31 -19.28 49.90 -19.46
N THR E 32 -20.07 48.88 -19.15
CA THR E 32 -19.61 47.77 -18.31
C THR E 32 -19.09 46.66 -19.22
N VAL E 33 -17.80 46.38 -19.11
CA VAL E 33 -17.14 45.36 -19.92
C VAL E 33 -16.73 44.23 -19.00
N ASP E 34 -17.32 43.05 -19.20
CA ASP E 34 -16.92 41.84 -18.51
C ASP E 34 -16.69 40.72 -19.53
N LEU E 35 -15.80 39.81 -19.19
CA LEU E 35 -15.39 38.75 -20.10
C LEU E 35 -15.76 37.40 -19.49
N LEU E 36 -16.66 36.67 -20.16
CA LEU E 36 -17.06 35.34 -19.75
C LEU E 36 -16.68 34.35 -20.82
N HIS E 37 -16.37 33.11 -20.42
CA HIS E 37 -15.88 32.12 -21.36
C HIS E 37 -16.45 30.75 -21.03
N SER E 38 -16.49 29.90 -22.05
CA SER E 38 -16.88 28.51 -21.89
C SER E 38 -15.70 27.69 -21.37
N SER E 39 -15.98 26.43 -21.05
CA SER E 39 -14.97 25.55 -20.48
C SER E 39 -15.32 24.11 -20.86
N CYS E 40 -14.68 23.17 -20.18
CA CYS E 40 -14.76 21.75 -20.55
C CYS E 40 -16.12 21.16 -20.21
N ASP E 41 -16.79 20.63 -21.23
CA ASP E 41 -17.93 19.73 -21.02
C ASP E 41 -17.40 18.31 -20.87
N PRO E 42 -17.62 17.66 -19.72
CA PRO E 42 -17.12 16.27 -19.58
C PRO E 42 -17.83 15.26 -20.46
N ASN E 43 -18.99 15.59 -21.01
CA ASN E 43 -19.75 14.70 -21.87
C ASN E 43 -19.43 14.87 -23.35
N ALA E 44 -18.50 15.77 -23.69
CA ALA E 44 -18.10 15.98 -25.08
C ALA E 44 -16.58 16.08 -25.13
N PHE E 45 -16.04 15.96 -26.35
CA PHE E 45 -14.60 16.08 -26.54
C PHE E 45 -14.13 17.51 -26.29
N HIS E 46 -14.83 18.49 -26.91
CA HIS E 46 -14.80 19.91 -26.56
C HIS E 46 -13.40 20.51 -26.72
N SER E 47 -12.90 20.47 -27.95
CA SER E 47 -11.55 20.95 -28.25
C SER E 47 -11.50 22.46 -28.46
N THR E 48 -12.64 23.15 -28.49
CA THR E 48 -12.69 24.59 -28.73
C THR E 48 -13.18 25.29 -27.48
N ILE E 49 -12.39 26.22 -26.96
CA ILE E 49 -12.80 27.10 -25.87
C ILE E 49 -13.34 28.38 -26.49
N GLN E 50 -14.42 28.91 -25.93
CA GLN E 50 -15.17 29.97 -26.58
C GLN E 50 -15.18 31.19 -25.67
N LEU E 51 -14.70 32.32 -26.17
CA LEU E 51 -14.51 33.52 -25.37
C LEU E 51 -15.53 34.59 -25.77
N TYR E 52 -16.13 35.22 -24.76
CA TYR E 52 -17.13 36.26 -24.97
C TYR E 52 -16.73 37.48 -24.16
N CYS E 53 -16.84 38.67 -24.76
CA CYS E 53 -16.74 39.90 -24.00
C CYS E 53 -17.97 40.74 -24.28
N PHE E 54 -18.62 41.20 -23.21
CA PHE E 54 -19.91 41.87 -23.29
C PHE E 54 -19.74 43.35 -23.07
N VAL E 55 -20.41 44.16 -23.89
CA VAL E 55 -20.41 45.61 -23.75
C VAL E 55 -21.81 46.01 -23.29
N TYR E 56 -21.95 46.36 -22.02
CA TYR E 56 -23.24 46.68 -21.44
C TYR E 56 -23.40 48.19 -21.31
N GLY E 57 -24.51 48.71 -21.84
CA GLY E 57 -24.86 50.11 -21.65
C GLY E 57 -23.99 51.10 -22.39
N HIS E 58 -23.44 50.73 -23.54
CA HIS E 58 -22.61 51.64 -24.32
C HIS E 58 -23.49 52.57 -25.15
N ILE E 59 -22.87 53.58 -25.73
CA ILE E 59 -23.61 54.60 -26.48
C ILE E 59 -24.05 54.04 -27.82
N GLN E 60 -25.06 54.68 -28.41
CA GLN E 60 -25.68 54.17 -29.62
C GLN E 60 -24.77 54.35 -30.83
N ASN E 61 -24.71 53.31 -31.67
CA ASN E 61 -23.99 53.28 -32.95
C ASN E 61 -22.51 53.58 -32.76
N ASP E 62 -21.85 52.66 -32.06
CA ASP E 62 -20.44 52.81 -31.71
C ASP E 62 -19.83 51.42 -31.60
N VAL E 63 -18.69 51.34 -30.88
CA VAL E 63 -17.89 50.23 -30.37
C VAL E 63 -17.31 49.34 -31.47
N SER E 64 -16.02 49.07 -31.37
CA SER E 64 -15.33 48.07 -32.17
C SER E 64 -14.46 47.24 -31.22
N ILE E 65 -14.50 45.92 -31.39
CA ILE E 65 -13.89 44.99 -30.44
C ILE E 65 -12.75 44.27 -31.12
N HIS E 66 -11.56 44.36 -30.54
CA HIS E 66 -10.37 43.65 -31.01
C HIS E 66 -9.86 42.73 -29.90
N TRP E 67 -9.31 41.60 -30.31
CA TRP E 67 -8.87 40.57 -29.38
C TRP E 67 -7.35 40.42 -29.43
N LEU E 68 -6.74 40.29 -28.25
CA LEU E 68 -5.30 40.19 -28.14
C LEU E 68 -4.93 38.98 -27.27
N MET E 69 -3.80 38.36 -27.60
CA MET E 69 -3.25 37.26 -26.83
C MET E 69 -1.77 37.53 -26.55
N ASP E 70 -1.40 37.47 -25.27
CA ASP E 70 -0.04 37.74 -24.78
C ASP E 70 0.47 39.11 -25.22
N ASP E 71 -0.43 40.10 -25.16
CA ASP E 71 -0.18 41.51 -25.54
C ASP E 71 0.30 41.63 -27.00
N ARG E 72 -0.26 40.79 -27.88
CA ARG E 72 0.00 40.88 -29.30
C ARG E 72 -1.33 40.74 -30.04
N LYS E 73 -1.38 41.31 -31.25
CA LYS E 73 -2.63 41.39 -31.99
C LYS E 73 -3.02 40.04 -32.59
N ILE E 74 -4.33 39.84 -32.71
CA ILE E 74 -4.91 38.66 -33.37
C ILE E 74 -5.79 39.17 -34.50
N TYR E 75 -5.53 38.68 -35.71
CA TYR E 75 -6.32 39.05 -36.88
C TYR E 75 -7.15 37.88 -37.42
N GLU E 76 -7.13 36.74 -36.75
CA GLU E 76 -7.98 35.60 -37.08
C GLU E 76 -9.18 35.51 -36.14
N THR E 77 -9.72 36.67 -35.75
CA THR E 77 -10.73 36.71 -34.69
C THR E 77 -12.07 36.18 -35.16
N HIS E 78 -12.51 36.59 -36.35
CA HIS E 78 -13.83 36.26 -36.93
C HIS E 78 -14.97 36.62 -35.97
N ALA E 79 -14.89 37.82 -35.39
CA ALA E 79 -15.85 38.24 -34.38
C ALA E 79 -17.21 38.55 -35.00
N GLN E 80 -18.26 38.27 -34.23
CA GLN E 80 -19.64 38.52 -34.64
C GLN E 80 -20.28 39.42 -33.60
N ASN E 81 -20.41 40.70 -33.91
CA ASN E 81 -21.04 41.67 -33.00
C ASN E 81 -22.54 41.48 -33.08
N VAL E 82 -23.12 40.83 -32.06
CA VAL E 82 -24.54 40.54 -32.01
C VAL E 82 -25.21 41.51 -31.05
N LEU E 83 -26.28 42.16 -31.52
CA LEU E 83 -27.02 43.10 -30.68
C LEU E 83 -27.80 42.33 -29.64
N ILE E 84 -27.74 42.80 -28.39
CA ILE E 84 -28.43 42.14 -27.29
C ILE E 84 -29.78 42.82 -27.03
N LYS E 85 -29.75 44.11 -26.72
CA LYS E 85 -30.95 44.86 -26.40
C LYS E 85 -30.66 46.35 -26.60
N GLU E 86 -31.74 47.14 -26.63
CA GLU E 86 -31.65 48.58 -26.77
C GLU E 86 -32.54 49.24 -25.73
N GLU E 87 -31.98 50.21 -25.00
CA GLU E 87 -32.71 50.98 -23.99
C GLU E 87 -32.36 52.46 -24.18
N GLY E 88 -33.11 53.15 -25.04
CA GLY E 88 -32.86 54.56 -25.28
C GLY E 88 -31.55 54.77 -26.03
N LYS E 89 -30.72 55.68 -25.51
CA LYS E 89 -29.39 55.87 -26.07
C LYS E 89 -28.48 54.71 -25.75
N LEU E 90 -28.68 54.06 -24.60
CA LEU E 90 -27.86 52.92 -24.21
C LEU E 90 -28.22 51.69 -25.03
N ALA E 91 -27.23 50.85 -25.27
CA ALA E 91 -27.41 49.63 -26.03
C ALA E 91 -26.40 48.59 -25.53
N SER E 92 -26.67 47.33 -25.85
CA SER E 92 -25.83 46.23 -25.41
C SER E 92 -25.47 45.34 -26.59
N THR E 93 -24.26 44.81 -26.57
CA THR E 93 -23.76 43.92 -27.61
C THR E 93 -22.66 43.06 -27.03
N TYR E 94 -22.24 42.06 -27.81
CA TYR E 94 -21.13 41.21 -27.39
C TYR E 94 -20.41 40.69 -28.62
N SER E 95 -19.19 40.21 -28.40
CA SER E 95 -18.37 39.59 -29.43
C SER E 95 -17.96 38.21 -28.97
N ARG E 96 -17.65 37.35 -29.93
CA ARG E 96 -17.45 35.93 -29.65
C ARG E 96 -16.19 35.46 -30.35
N LEU E 97 -15.36 34.68 -29.65
CA LEU E 97 -14.10 34.19 -30.16
C LEU E 97 -14.07 32.66 -30.18
N ASN E 98 -13.12 32.13 -30.95
CA ASN E 98 -12.96 30.70 -31.16
C ASN E 98 -11.46 30.41 -31.01
N ILE E 99 -11.06 29.83 -29.88
CA ILE E 99 -9.69 29.44 -29.66
C ILE E 99 -9.65 27.95 -29.36
N THR E 100 -8.46 27.35 -29.51
CA THR E 100 -8.28 25.94 -29.29
C THR E 100 -8.03 25.65 -27.81
N GLN E 101 -7.92 24.36 -27.48
CA GLN E 101 -7.66 23.98 -26.10
C GLN E 101 -6.21 24.27 -25.70
N GLN E 102 -5.27 24.06 -26.63
CA GLN E 102 -3.86 24.27 -26.34
C GLN E 102 -3.51 25.75 -26.22
N GLN E 103 -4.28 26.63 -26.82
CA GLN E 103 -4.07 28.07 -26.63
C GLN E 103 -4.61 28.55 -25.29
N TRP E 104 -5.50 27.79 -24.67
CA TRP E 104 -6.05 28.11 -23.35
C TRP E 104 -5.25 27.48 -22.22
N MET E 105 -4.75 26.26 -22.44
CA MET E 105 -4.00 25.55 -21.42
C MET E 105 -2.54 26.00 -21.34
N SER E 106 -2.12 26.92 -22.21
CA SER E 106 -0.79 27.52 -22.14
C SER E 106 -0.70 28.64 -21.12
N GLU E 107 -1.82 28.98 -20.48
CA GLU E 107 -1.93 30.03 -19.45
C GLU E 107 -1.47 31.39 -19.97
N SER E 108 -1.82 31.69 -21.22
CA SER E 108 -1.61 33.01 -21.78
C SER E 108 -2.75 33.93 -21.35
N THR E 109 -2.53 35.23 -21.50
CA THR E 109 -3.50 36.24 -21.09
C THR E 109 -4.26 36.73 -22.31
N PHE E 110 -5.58 36.55 -22.30
CA PHE E 110 -6.46 36.99 -23.36
C PHE E 110 -7.21 38.24 -22.91
N THR E 111 -7.22 39.27 -23.74
CA THR E 111 -7.89 40.52 -23.42
C THR E 111 -8.74 40.99 -24.59
N CYS E 112 -9.91 41.53 -24.27
CA CYS E 112 -10.83 42.10 -25.26
C CYS E 112 -10.74 43.62 -25.16
N LYS E 113 -10.42 44.27 -26.26
CA LYS E 113 -10.21 45.71 -26.31
C LYS E 113 -11.47 46.39 -26.82
N VAL E 114 -12.01 47.31 -26.03
CA VAL E 114 -13.27 47.98 -26.33
C VAL E 114 -12.99 49.46 -26.54
N THR E 115 -13.40 49.99 -27.69
CA THR E 115 -13.23 51.40 -28.03
C THR E 115 -14.62 52.05 -28.09
N SER E 116 -15.05 52.61 -26.97
CA SER E 116 -16.35 53.25 -26.85
C SER E 116 -16.14 54.74 -26.56
N GLN E 117 -16.74 55.60 -27.41
CA GLN E 117 -16.73 57.06 -27.30
C GLN E 117 -15.31 57.63 -27.26
N GLY E 118 -14.38 57.00 -27.98
CA GLY E 118 -13.00 57.40 -27.99
C GLY E 118 -12.15 56.81 -26.89
N GLU E 119 -12.75 56.54 -25.72
CA GLU E 119 -12.02 55.95 -24.61
C GLU E 119 -11.72 54.48 -24.89
N ASN E 120 -10.74 53.95 -24.16
CA ASN E 120 -10.31 52.57 -24.30
C ASN E 120 -10.68 51.80 -23.03
N TYR E 121 -11.25 50.62 -23.21
CA TYR E 121 -11.67 49.77 -22.11
C TYR E 121 -11.06 48.38 -22.28
N TRP E 122 -10.70 47.76 -21.15
CA TRP E 122 -9.98 46.49 -21.16
C TRP E 122 -10.66 45.48 -20.25
N ALA E 123 -10.49 44.21 -20.58
CA ALA E 123 -10.99 43.11 -19.76
C ALA E 123 -10.13 41.89 -20.05
N HIS E 124 -9.34 41.46 -19.07
CA HIS E 124 -8.37 40.38 -19.24
C HIS E 124 -8.89 39.09 -18.64
N THR E 125 -8.39 37.97 -19.17
CA THR E 125 -8.67 36.67 -18.57
C THR E 125 -7.48 35.75 -18.81
N ARG E 126 -7.33 34.77 -17.94
CA ARG E 126 -6.43 33.64 -18.13
C ARG E 126 -7.11 32.39 -17.60
N ARG E 127 -6.37 31.28 -17.61
CA ARG E 127 -6.79 30.11 -16.86
C ARG E 127 -6.34 30.25 -15.42
N CYS E 128 -7.14 29.72 -14.50
CA CYS E 128 -6.77 29.71 -13.09
C CYS E 128 -5.58 28.80 -12.88
N SER E 129 -4.61 29.28 -12.09
CA SER E 129 -3.38 28.54 -11.89
C SER E 129 -3.61 27.35 -10.96
N ASP E 130 -2.64 26.44 -10.95
CA ASP E 130 -2.69 25.26 -10.10
C ASP E 130 -2.55 25.68 -8.65
N ASP E 131 -3.55 25.35 -7.83
CA ASP E 131 -3.50 25.70 -6.42
C ASP E 131 -2.69 24.72 -5.59
N GLU E 132 -2.29 23.58 -6.16
CA GLU E 132 -1.43 22.60 -5.47
C GLU E 132 -0.27 22.21 -6.37
N PRO E 133 0.72 23.09 -6.55
CA PRO E 133 1.91 22.71 -7.31
C PRO E 133 2.82 21.83 -6.48
N ARG E 134 3.30 20.74 -7.11
CA ARG E 134 4.09 19.69 -6.46
C ARG E 134 3.37 19.07 -5.26
N GLY E 135 2.05 19.03 -5.29
CA GLY E 135 1.25 18.44 -4.22
C GLY E 135 1.31 19.16 -2.90
N VAL E 136 1.36 20.49 -2.91
CA VAL E 136 1.49 21.29 -1.70
C VAL E 136 0.11 21.83 -1.33
N ILE E 137 -0.33 21.53 -0.12
CA ILE E 137 -1.66 21.89 0.37
C ILE E 137 -1.52 23.05 1.35
N THR E 138 -2.32 24.09 1.17
CA THR E 138 -2.28 25.29 1.99
C THR E 138 -3.66 25.60 2.53
N TYR E 139 -3.71 25.97 3.81
CA TYR E 139 -4.93 26.38 4.48
C TYR E 139 -4.76 27.78 5.05
N LEU E 140 -5.82 28.58 5.00
CA LEU E 140 -5.85 29.91 5.60
C LEU E 140 -6.95 29.91 6.66
N ILE E 141 -6.57 30.07 7.91
CA ILE E 141 -7.46 29.86 9.05
C ILE E 141 -7.88 31.21 9.62
N PRO E 142 -9.17 31.49 9.77
CA PRO E 142 -9.61 32.78 10.32
C PRO E 142 -9.41 32.84 11.83
N PRO E 143 -9.39 34.04 12.41
CA PRO E 143 -9.26 34.14 13.88
C PRO E 143 -10.49 33.64 14.62
N SER E 144 -10.25 33.18 15.84
CA SER E 144 -11.31 32.72 16.73
C SER E 144 -12.08 33.90 17.32
N PRO E 145 -13.37 33.73 17.63
CA PRO E 145 -14.13 34.83 18.23
C PRO E 145 -13.71 35.17 19.65
N LEU E 146 -13.10 34.23 20.38
CA LEU E 146 -12.60 34.52 21.72
C LEU E 146 -11.44 35.52 21.66
N ASP E 147 -10.54 35.35 20.69
CA ASP E 147 -9.47 36.31 20.51
C ASP E 147 -9.96 37.61 19.89
N LEU E 148 -11.06 37.55 19.15
CA LEU E 148 -11.52 38.71 18.39
C LEU E 148 -12.33 39.67 19.25
N TYR E 149 -13.35 39.16 19.95
CA TYR E 149 -14.29 40.00 20.66
C TYR E 149 -14.11 40.02 22.17
N GLU E 150 -13.27 39.15 22.72
CA GLU E 150 -12.99 39.17 24.16
C GLU E 150 -11.53 39.50 24.45
N ASN E 151 -10.58 38.73 23.91
CA ASN E 151 -9.17 38.97 24.21
C ASN E 151 -8.61 40.17 23.45
N GLY E 152 -9.13 40.44 22.25
CA GLY E 152 -8.72 41.59 21.49
C GLY E 152 -7.47 41.40 20.65
N THR E 153 -6.91 40.19 20.60
CA THR E 153 -5.68 39.91 19.85
C THR E 153 -5.94 38.79 18.84
N PRO E 154 -6.54 39.11 17.70
CA PRO E 154 -6.76 38.08 16.67
C PRO E 154 -5.49 37.80 15.87
N LYS E 155 -5.45 36.61 15.27
CA LYS E 155 -4.28 36.16 14.52
C LYS E 155 -4.73 35.31 13.34
N LEU E 156 -4.10 35.52 12.19
CA LEU E 156 -4.32 34.73 11.00
C LEU E 156 -3.21 33.69 10.84
N THR E 157 -3.59 32.51 10.33
CA THR E 157 -2.68 31.38 10.24
C THR E 157 -2.66 30.83 8.83
N CYS E 158 -1.46 30.66 8.27
CA CYS E 158 -1.27 30.05 6.95
C CYS E 158 -0.48 28.76 7.14
N LEU E 159 -1.17 27.62 7.13
CA LEU E 159 -0.54 26.32 7.31
C LEU E 159 -0.21 25.74 5.93
N VAL E 160 1.08 25.47 5.71
CA VAL E 160 1.57 24.91 4.46
C VAL E 160 2.03 23.48 4.74
N LEU E 161 1.45 22.51 4.05
CA LEU E 161 1.71 21.11 4.31
C LEU E 161 2.32 20.43 3.08
N ASP E 162 2.78 19.20 3.31
CA ASP E 162 3.26 18.28 2.28
C ASP E 162 4.43 18.84 1.49
N LEU E 163 5.48 19.21 2.23
CA LEU E 163 6.71 19.73 1.64
C LEU E 163 7.81 18.69 1.77
N GLU E 164 8.71 18.67 0.77
CA GLU E 164 9.86 17.78 0.83
C GLU E 164 10.89 18.29 1.84
N SER E 165 11.11 19.60 1.87
CA SER E 165 12.02 20.23 2.82
C SER E 165 11.60 21.67 3.01
N GLU E 166 12.16 22.30 4.04
CA GLU E 166 11.84 23.70 4.34
C GLU E 166 12.45 24.65 3.33
N GLU E 167 13.59 24.28 2.74
CA GLU E 167 14.49 25.22 2.08
C GLU E 167 13.88 25.86 0.83
N ASN E 168 14.21 27.14 0.64
CA ASN E 168 13.81 28.00 -0.48
C ASN E 168 12.30 28.23 -0.54
N ILE E 169 11.59 28.11 0.58
CA ILE E 169 10.17 28.42 0.66
C ILE E 169 10.00 29.74 1.39
N THR E 170 9.36 30.70 0.73
CA THR E 170 9.06 32.00 1.33
C THR E 170 7.55 32.18 1.40
N VAL E 171 7.07 32.68 2.53
CA VAL E 171 5.65 32.95 2.76
C VAL E 171 5.48 34.45 2.92
N THR E 172 4.60 35.04 2.11
CA THR E 172 4.39 36.48 2.08
C THR E 172 2.95 36.79 2.46
N TRP E 173 2.75 37.93 3.11
CA TRP E 173 1.42 38.36 3.55
C TRP E 173 1.08 39.69 2.90
N VAL E 174 -0.16 39.82 2.43
CA VAL E 174 -0.62 41.00 1.69
C VAL E 174 -1.92 41.49 2.33
N ARG E 175 -2.02 42.79 2.56
CA ARG E 175 -3.21 43.44 3.07
C ARG E 175 -4.05 43.99 1.92
N GLU E 176 -5.05 44.81 2.23
CA GLU E 176 -5.90 45.41 1.22
C GLU E 176 -5.67 46.92 1.06
N ARG E 177 -5.70 47.68 2.16
CA ARG E 177 -5.62 49.13 2.07
C ARG E 177 -4.23 49.69 2.38
N LYS E 178 -3.66 49.33 3.53
CA LYS E 178 -2.39 49.90 3.97
C LYS E 178 -1.24 48.94 3.68
N LYS E 179 -0.07 49.52 3.41
CA LYS E 179 1.14 48.74 3.21
C LYS E 179 1.86 48.43 4.50
N SER E 180 1.37 48.91 5.63
CA SER E 180 1.98 48.66 6.94
C SER E 180 1.40 47.35 7.47
N ILE E 181 2.15 46.26 7.31
CA ILE E 181 1.72 44.95 7.74
C ILE E 181 2.52 44.56 8.98
N GLY E 182 1.98 43.63 9.76
CA GLY E 182 2.64 43.17 10.96
C GLY E 182 3.73 42.15 10.66
N SER E 183 4.45 41.77 11.71
CA SER E 183 5.52 40.80 11.59
C SER E 183 4.98 39.39 11.76
N ALA E 184 5.32 38.51 10.82
CA ALA E 184 4.88 37.13 10.88
C ALA E 184 5.86 36.29 11.69
N SER E 185 5.34 35.26 12.34
CA SER E 185 6.14 34.34 13.14
C SER E 185 6.10 32.97 12.47
N GLN E 186 7.18 32.63 11.77
CA GLN E 186 7.24 31.41 10.97
C GLN E 186 7.98 30.33 11.73
N ARG E 187 7.40 29.14 11.79
CA ARG E 187 8.01 27.98 12.42
C ARG E 187 7.79 26.76 11.55
N SER E 188 8.66 25.76 11.71
CA SER E 188 8.60 24.55 10.92
C SER E 188 8.51 23.32 11.80
N THR E 189 8.02 22.22 11.22
CA THR E 189 7.84 20.98 11.94
C THR E 189 8.05 19.82 10.97
N LYS E 190 8.88 18.85 11.35
CA LYS E 190 8.99 17.59 10.63
C LYS E 190 8.06 16.58 11.28
N HIS E 191 7.27 15.89 10.46
CA HIS E 191 6.20 15.03 10.95
C HIS E 191 6.64 13.57 10.93
N HIS E 192 5.72 12.69 11.37
CA HIS E 192 6.03 11.27 11.46
C HIS E 192 6.04 10.59 10.10
N ASN E 193 5.36 11.16 9.10
CA ASN E 193 5.35 10.61 7.75
C ASN E 193 6.40 11.26 6.85
N ALA E 194 7.51 11.74 7.45
CA ALA E 194 8.67 12.32 6.78
C ALA E 194 8.32 13.55 5.94
N THR E 195 7.27 14.28 6.31
CA THR E 195 6.86 15.49 5.61
C THR E 195 7.10 16.70 6.50
N THR E 196 7.47 17.80 5.89
CA THR E 196 7.73 19.06 6.60
C THR E 196 6.56 20.00 6.39
N SER E 197 6.12 20.64 7.48
CA SER E 197 5.07 21.64 7.43
C SER E 197 5.59 22.96 7.96
N ILE E 198 5.11 24.05 7.36
CA ILE E 198 5.48 25.40 7.76
C ILE E 198 4.21 26.15 8.16
N THR E 199 4.21 26.74 9.35
CA THR E 199 3.09 27.51 9.86
C THR E 199 3.52 28.96 10.05
N SER E 200 2.77 29.89 9.46
CA SER E 200 3.04 31.32 9.57
C SER E 200 1.85 32.00 10.22
N ILE E 201 2.11 32.79 11.25
CA ILE E 201 1.07 33.43 12.03
C ILE E 201 1.24 34.94 11.93
N LEU E 202 0.20 35.63 11.46
CA LEU E 202 0.23 37.08 11.31
C LEU E 202 -0.80 37.71 12.23
N PRO E 203 -0.38 38.53 13.21
CA PRO E 203 -1.36 39.22 14.05
C PRO E 203 -2.04 40.36 13.30
N VAL E 204 -3.37 40.36 13.32
CA VAL E 204 -4.17 41.35 12.63
C VAL E 204 -4.90 42.21 13.65
N ASP E 205 -5.45 43.32 13.18
CA ASP E 205 -6.26 44.21 14.01
C ASP E 205 -7.71 43.77 13.99
N ALA E 206 -8.38 43.91 15.15
CA ALA E 206 -9.76 43.47 15.25
C ALA E 206 -10.72 44.38 14.52
N LYS E 207 -10.42 45.69 14.48
CA LYS E 207 -11.32 46.65 13.85
C LYS E 207 -11.35 46.46 12.33
N ASP E 208 -10.18 46.25 11.71
CA ASP E 208 -10.12 46.04 10.26
C ASP E 208 -10.81 44.75 9.86
N TRP E 209 -10.66 43.70 10.65
CA TRP E 209 -11.39 42.46 10.39
C TRP E 209 -12.89 42.63 10.64
N ILE E 210 -13.28 43.56 11.52
CA ILE E 210 -14.69 43.83 11.72
C ILE E 210 -15.30 44.53 10.51
N GLU E 211 -14.59 45.52 9.94
CA GLU E 211 -15.15 46.20 8.77
C GLU E 211 -15.07 45.37 7.49
N GLY E 212 -14.31 44.27 7.47
CA GLY E 212 -14.29 43.41 6.30
C GLY E 212 -13.06 43.56 5.43
N GLU E 213 -11.88 43.62 6.06
CA GLU E 213 -10.62 43.71 5.34
C GLU E 213 -10.18 42.34 4.87
N GLY E 214 -9.77 42.23 3.62
CA GLY E 214 -9.25 40.98 3.09
C GLY E 214 -7.75 40.88 3.24
N TYR E 215 -7.28 39.64 3.37
CA TYR E 215 -5.86 39.35 3.54
C TYR E 215 -5.46 38.23 2.58
N GLN E 216 -4.18 38.19 2.23
CA GLN E 216 -3.66 37.17 1.34
C GLN E 216 -2.42 36.53 1.92
N CYS E 217 -2.23 35.26 1.59
CA CYS E 217 -1.03 34.50 1.95
C CYS E 217 -0.46 33.92 0.67
N ARG E 218 0.69 34.41 0.25
CA ARG E 218 1.35 33.97 -0.98
C ARG E 218 2.55 33.10 -0.61
N VAL E 219 2.53 31.85 -1.07
CA VAL E 219 3.63 30.91 -0.86
C VAL E 219 4.40 30.78 -2.17
N ASP E 220 5.72 30.93 -2.11
CA ASP E 220 6.55 30.95 -3.29
C ASP E 220 7.69 29.95 -3.16
N HIS E 221 8.17 29.47 -4.31
CA HIS E 221 9.24 28.50 -4.42
C HIS E 221 9.79 28.58 -5.82
N PRO E 222 11.10 28.41 -6.02
CA PRO E 222 11.65 28.44 -7.40
C PRO E 222 11.14 27.33 -8.30
N HIS E 223 10.82 26.16 -7.76
CA HIS E 223 10.27 25.08 -8.57
C HIS E 223 8.78 25.23 -8.84
N PHE E 224 8.12 26.19 -8.21
CA PHE E 224 6.71 26.45 -8.50
C PHE E 224 6.61 27.23 -9.81
N PRO E 225 5.86 26.74 -10.80
CA PRO E 225 5.60 27.57 -11.99
C PRO E 225 4.82 28.83 -11.68
N LYS E 226 3.92 28.79 -10.70
CA LYS E 226 3.16 29.93 -10.23
C LYS E 226 3.08 29.87 -8.72
N PRO E 227 3.03 31.03 -8.05
CA PRO E 227 2.85 31.02 -6.59
C PRO E 227 1.45 30.60 -6.19
N ILE E 228 1.35 30.08 -4.97
CA ILE E 228 0.06 29.72 -4.38
C ILE E 228 -0.48 30.95 -3.67
N VAL E 229 -1.65 31.44 -4.08
CA VAL E 229 -2.28 32.60 -3.48
C VAL E 229 -3.59 32.17 -2.85
N ARG E 230 -3.74 32.42 -1.55
CA ARG E 230 -4.96 32.14 -0.82
C ARG E 230 -5.46 33.42 -0.18
N SER E 231 -6.77 33.65 -0.27
CA SER E 231 -7.39 34.84 0.30
C SER E 231 -8.39 34.45 1.38
N ILE E 232 -8.65 35.38 2.30
CA ILE E 232 -9.66 35.19 3.32
C ILE E 232 -10.30 36.54 3.64
N THR E 233 -11.56 36.50 4.03
CA THR E 233 -12.36 37.67 4.37
C THR E 233 -13.33 37.22 5.45
N LYS E 234 -13.90 38.18 6.18
CA LYS E 234 -15.02 37.90 7.08
C LYS E 234 -16.20 37.34 6.27
N ALA E 235 -16.83 36.30 6.81
CA ALA E 235 -17.81 35.52 6.05
C ALA E 235 -19.08 36.31 5.77
N PRO E 236 -19.58 36.33 4.55
CA PRO E 236 -20.75 37.14 4.21
C PRO E 236 -22.06 36.41 4.49
N GLY E 237 -23.12 37.21 4.59
CA GLY E 237 -24.44 36.69 4.85
C GLY E 237 -25.21 37.65 5.73
N LYS E 238 -26.33 37.15 6.26
CA LYS E 238 -27.18 37.91 7.16
C LYS E 238 -26.95 37.45 8.59
N ARG E 239 -26.63 38.39 9.46
CA ARG E 239 -26.26 38.07 10.84
C ARG E 239 -27.50 37.77 11.67
N SER E 240 -27.38 36.78 12.55
CA SER E 240 -28.47 36.40 13.46
C SER E 240 -27.88 36.09 14.83
N ALA E 241 -28.52 36.64 15.86
CA ALA E 241 -28.04 36.45 17.23
C ALA E 241 -28.48 35.10 17.77
N PRO E 242 -27.60 34.37 18.46
CA PRO E 242 -27.97 33.04 18.98
C PRO E 242 -28.87 33.12 20.19
N GLU E 243 -29.70 32.08 20.34
CA GLU E 243 -30.55 31.89 21.50
C GLU E 243 -30.04 30.69 22.28
N VAL E 244 -29.76 30.89 23.57
CA VAL E 244 -29.11 29.87 24.38
C VAL E 244 -30.05 29.47 25.52
N TYR E 245 -30.29 28.17 25.65
CA TYR E 245 -31.08 27.59 26.72
C TYR E 245 -30.25 26.53 27.43
N VAL E 246 -30.28 26.54 28.75
CA VAL E 246 -29.51 25.61 29.57
C VAL E 246 -30.50 24.65 30.24
N PHE E 247 -30.06 23.41 30.46
CA PHE E 247 -30.91 22.35 31.00
C PHE E 247 -30.31 21.81 32.29
N LEU E 248 -31.18 21.50 33.24
CA LEU E 248 -30.77 20.84 34.47
C LEU E 248 -30.38 19.39 34.18
N PRO E 249 -29.64 18.74 35.07
CA PRO E 249 -29.43 17.30 34.95
C PRO E 249 -30.75 16.55 35.04
N PRO E 250 -30.88 15.43 34.31
CA PRO E 250 -32.16 14.72 34.26
C PRO E 250 -32.55 14.12 35.60
N GLU E 251 -33.86 14.11 35.86
CA GLU E 251 -34.38 13.67 37.16
C GLU E 251 -34.26 12.17 37.35
N GLU E 252 -34.20 11.40 36.27
CA GLU E 252 -33.93 9.97 36.37
C GLU E 252 -32.48 9.66 36.68
N GLU E 253 -31.58 10.64 36.57
CA GLU E 253 -30.16 10.44 36.84
C GLU E 253 -29.92 10.67 38.32
N GLU E 254 -29.72 9.58 39.07
CA GLU E 254 -29.25 9.61 40.45
C GLU E 254 -28.00 8.76 40.61
N LYS E 255 -27.21 8.68 39.54
CA LYS E 255 -26.02 7.83 39.49
C LYS E 255 -24.80 8.61 39.96
N ASP E 256 -23.61 8.07 39.69
CA ASP E 256 -22.37 8.63 40.19
C ASP E 256 -21.97 9.92 39.48
N LYS E 257 -22.55 10.22 38.31
CA LYS E 257 -22.21 11.44 37.58
C LYS E 257 -23.50 12.16 37.17
N ARG E 258 -23.38 13.48 37.00
CA ARG E 258 -24.47 14.32 36.52
C ARG E 258 -24.04 15.01 35.23
N THR E 259 -25.00 15.18 34.32
CA THR E 259 -24.73 15.73 32.99
C THR E 259 -25.48 17.04 32.82
N LEU E 260 -24.75 18.10 32.47
CA LEU E 260 -25.31 19.42 32.25
C LEU E 260 -25.15 19.79 30.78
N THR E 261 -26.21 20.33 30.19
CA THR E 261 -26.29 20.57 28.76
C THR E 261 -26.59 22.04 28.47
N CYS E 262 -26.02 22.54 27.38
CA CYS E 262 -26.25 23.89 26.88
C CYS E 262 -26.66 23.78 25.42
N LEU E 263 -27.81 24.38 25.08
CA LEU E 263 -28.32 24.36 23.71
C LEU E 263 -28.21 25.76 23.13
N ILE E 264 -27.41 25.91 22.08
CA ILE E 264 -27.26 27.17 21.36
C ILE E 264 -27.76 26.96 19.94
N GLN E 265 -28.64 27.83 19.47
CA GLN E 265 -29.26 27.67 18.17
C GLN E 265 -29.54 29.03 17.56
N ASN E 266 -29.88 29.00 16.27
CA ASN E 266 -30.33 30.15 15.47
C ASN E 266 -29.26 31.23 15.40
N PHE E 267 -28.11 30.85 14.84
CA PHE E 267 -27.00 31.80 14.68
C PHE E 267 -26.34 31.62 13.32
N PHE E 268 -26.00 32.75 12.70
CA PHE E 268 -25.20 32.80 11.49
C PHE E 268 -24.20 33.93 11.72
N PRO E 269 -22.91 33.73 11.40
CA PRO E 269 -22.28 32.56 10.77
C PRO E 269 -21.92 31.43 11.72
N GLU E 270 -21.04 30.53 11.27
CA GLU E 270 -20.69 29.32 12.01
C GLU E 270 -19.67 29.54 13.11
N ASP E 271 -19.03 30.71 13.16
CA ASP E 271 -17.96 30.96 14.13
C ASP E 271 -18.55 31.33 15.48
N ILE E 272 -18.30 30.49 16.48
CA ILE E 272 -18.84 30.68 17.83
C ILE E 272 -17.88 30.02 18.82
N SER E 273 -17.90 30.50 20.06
CA SER E 273 -17.09 29.95 21.14
C SER E 273 -17.95 29.80 22.39
N VAL E 274 -17.87 28.63 23.03
CA VAL E 274 -18.66 28.31 24.22
C VAL E 274 -17.72 27.99 25.36
N GLN E 275 -18.01 28.54 26.53
CA GLN E 275 -17.19 28.36 27.72
C GLN E 275 -18.05 27.97 28.92
N TRP E 276 -17.49 27.16 29.81
CA TRP E 276 -18.14 26.72 31.03
C TRP E 276 -17.40 27.27 32.24
N LEU E 277 -18.14 27.56 33.31
CA LEU E 277 -17.57 28.18 34.50
C LEU E 277 -18.11 27.53 35.75
N GLN E 278 -17.31 27.59 36.83
CA GLN E 278 -17.62 27.02 38.14
C GLN E 278 -17.42 28.10 39.19
N ASP E 279 -18.49 28.86 39.50
CA ASP E 279 -18.45 30.01 40.40
C ASP E 279 -17.39 31.02 39.97
N SER E 280 -17.53 31.49 38.72
CA SER E 280 -16.62 32.43 38.07
C SER E 280 -15.17 31.93 38.03
N LYS E 281 -15.01 30.63 37.81
CA LYS E 281 -13.71 30.01 37.58
C LYS E 281 -13.79 29.20 36.30
N LEU E 282 -12.82 29.41 35.42
CA LEU E 282 -12.87 28.79 34.09
C LEU E 282 -12.51 27.32 34.16
N ILE E 283 -13.42 26.47 33.70
CA ILE E 283 -13.19 25.04 33.53
C ILE E 283 -12.31 24.88 32.29
N PRO E 284 -11.29 24.02 32.31
CA PRO E 284 -10.50 23.78 31.10
C PRO E 284 -11.32 23.12 30.01
N LYS E 285 -10.91 23.35 28.76
CA LYS E 285 -11.64 22.91 27.58
C LYS E 285 -11.56 21.41 27.35
N SER E 286 -10.76 20.67 28.10
CA SER E 286 -10.69 19.22 27.99
C SER E 286 -11.72 18.52 28.87
N GLN E 287 -12.54 19.28 29.61
CA GLN E 287 -13.55 18.70 30.49
C GLN E 287 -14.96 18.81 29.93
N HIS E 288 -15.12 19.29 28.71
CA HIS E 288 -16.44 19.38 28.09
C HIS E 288 -16.28 19.25 26.58
N SER E 289 -17.40 18.91 25.92
CA SER E 289 -17.41 18.69 24.48
C SER E 289 -18.51 19.53 23.83
N THR E 290 -18.27 19.89 22.57
CA THR E 290 -19.23 20.62 21.75
C THR E 290 -19.35 19.92 20.41
N THR E 291 -20.53 20.01 19.81
CA THR E 291 -20.84 19.29 18.59
C THR E 291 -20.59 20.16 17.35
N THR E 292 -20.44 19.49 16.21
CA THR E 292 -20.30 20.17 14.93
C THR E 292 -21.62 20.84 14.56
N PRO E 293 -21.61 22.09 14.10
CA PRO E 293 -22.87 22.77 13.74
C PRO E 293 -23.56 22.13 12.54
N LEU E 294 -24.89 22.20 12.55
CA LEU E 294 -25.74 21.63 11.51
C LEU E 294 -26.66 22.71 10.96
N LYS E 295 -26.76 22.77 9.63
CA LYS E 295 -27.67 23.70 8.99
C LYS E 295 -29.12 23.26 9.19
N TYR E 296 -30.02 24.23 9.30
CA TYR E 296 -31.43 23.93 9.56
C TYR E 296 -32.33 24.73 8.64
N ASN E 297 -33.21 24.01 7.94
CA ASN E 297 -34.54 24.36 7.42
C ASN E 297 -34.59 25.42 6.32
N GLY E 298 -33.45 26.05 5.98
CA GLY E 298 -33.38 27.05 4.93
C GLY E 298 -34.26 28.28 5.13
N SER E 299 -34.25 29.16 4.11
CA SER E 299 -33.33 29.19 2.97
C SER E 299 -32.12 29.98 3.42
N ASN E 300 -32.34 30.91 4.33
CA ASN E 300 -31.25 31.53 5.07
C ASN E 300 -30.64 30.53 6.04
N GLN E 301 -29.32 30.60 6.18
CA GLN E 301 -28.58 29.58 6.90
C GLN E 301 -28.60 29.87 8.39
N ARG E 302 -29.00 28.88 9.18
CA ARG E 302 -28.95 28.92 10.63
C ARG E 302 -28.29 27.64 11.14
N PHE E 303 -27.67 27.73 12.30
CA PHE E 303 -26.92 26.62 12.87
C PHE E 303 -27.38 26.37 14.30
N PHE E 304 -27.14 25.14 14.78
CA PHE E 304 -27.32 24.82 16.18
C PHE E 304 -26.20 23.90 16.64
N ILE E 305 -25.84 24.04 17.92
CA ILE E 305 -24.86 23.17 18.56
C ILE E 305 -25.36 22.74 19.93
N PHE E 306 -24.74 21.69 20.46
CA PHE E 306 -24.98 21.23 21.82
C PHE E 306 -23.65 21.18 22.55
N SER E 307 -23.60 21.75 23.75
CA SER E 307 -22.43 21.68 24.60
C SER E 307 -22.76 20.86 25.85
N ARG E 308 -21.91 19.88 26.14
CA ARG E 308 -22.17 18.92 27.21
C ARG E 308 -21.03 18.96 28.23
N LEU E 309 -21.39 19.11 29.50
CA LEU E 309 -20.44 19.06 30.60
C LEU E 309 -20.92 18.04 31.61
N GLU E 310 -20.09 17.04 31.91
CA GLU E 310 -20.41 15.98 32.84
C GLU E 310 -19.51 16.10 34.07
N VAL E 311 -20.11 16.42 35.21
CA VAL E 311 -19.39 16.53 36.46
C VAL E 311 -19.73 15.34 37.34
N THR E 312 -18.93 15.13 38.38
CA THR E 312 -19.19 14.05 39.31
C THR E 312 -20.30 14.44 40.29
N LYS E 313 -20.76 13.46 41.07
CA LYS E 313 -21.88 13.67 41.98
C LYS E 313 -21.48 14.61 43.13
N ALA E 314 -20.28 14.45 43.67
CA ALA E 314 -19.85 15.25 44.81
C ALA E 314 -19.58 16.70 44.42
N LEU E 315 -19.12 16.94 43.19
CA LEU E 315 -18.86 18.30 42.75
C LEU E 315 -20.16 19.07 42.50
N TRP E 316 -21.23 18.37 42.13
CA TRP E 316 -22.49 19.02 41.83
C TRP E 316 -23.20 19.50 43.08
N THR E 317 -23.13 18.73 44.17
CA THR E 317 -23.91 18.99 45.37
C THR E 317 -23.21 19.92 46.36
N GLN E 318 -22.23 20.70 45.90
CA GLN E 318 -21.46 21.58 46.78
C GLN E 318 -22.01 23.01 46.76
N THR E 319 -23.33 23.14 46.63
CA THR E 319 -24.15 24.38 46.56
C THR E 319 -23.48 25.51 45.78
N LYS E 320 -23.09 25.19 44.55
CA LYS E 320 -22.49 26.16 43.65
C LYS E 320 -23.46 26.47 42.50
N GLN E 321 -23.00 27.29 41.56
CA GLN E 321 -23.74 27.58 40.35
C GLN E 321 -22.81 27.46 39.16
N PHE E 322 -23.41 27.17 38.00
CA PHE E 322 -22.68 27.00 36.75
C PHE E 322 -23.19 28.00 35.73
N THR E 323 -22.29 28.48 34.87
CA THR E 323 -22.67 29.39 33.79
C THR E 323 -22.24 28.81 32.44
N CYS E 324 -22.98 29.20 31.41
CA CYS E 324 -22.68 28.84 30.03
C CYS E 324 -22.69 30.13 29.21
N ARG E 325 -21.52 30.59 28.78
CA ARG E 325 -21.40 31.84 28.05
C ARG E 325 -20.95 31.59 26.62
N VAL E 326 -21.50 32.37 25.70
CA VAL E 326 -21.15 32.29 24.28
C VAL E 326 -20.70 33.66 23.80
N ILE E 327 -19.85 33.66 22.78
CA ILE E 327 -19.39 34.88 22.13
C ILE E 327 -19.65 34.75 20.64
N HIS E 328 -20.36 35.71 20.07
CA HIS E 328 -20.73 35.68 18.66
C HIS E 328 -20.58 37.07 18.06
N GLU E 329 -20.45 37.11 16.74
CA GLU E 329 -20.32 38.39 16.03
C GLU E 329 -21.63 39.17 16.05
N ALA E 330 -22.76 38.48 15.92
CA ALA E 330 -24.05 39.13 15.77
C ALA E 330 -24.68 39.57 17.09
N LEU E 331 -24.05 39.26 18.22
CA LEU E 331 -24.58 39.68 19.50
C LEU E 331 -24.34 41.18 19.71
N ARG E 332 -25.17 41.79 20.56
CA ARG E 332 -24.97 43.17 20.95
C ARG E 332 -23.80 43.28 21.92
N GLU E 333 -23.33 44.51 22.12
CA GLU E 333 -22.12 44.75 22.89
C GLU E 333 -22.32 44.38 24.37
N PRO E 334 -21.30 43.77 25.01
CA PRO E 334 -19.96 43.47 24.52
C PRO E 334 -19.79 42.06 23.96
N ARG E 335 -20.76 41.59 23.15
CA ARG E 335 -20.73 40.30 22.44
C ARG E 335 -20.53 39.11 23.38
N LYS E 336 -21.24 39.14 24.51
CA LYS E 336 -21.20 38.07 25.49
C LYS E 336 -22.59 37.91 26.07
N LEU E 337 -23.00 36.65 26.27
CA LEU E 337 -24.33 36.35 26.78
C LEU E 337 -24.27 35.09 27.62
N GLU E 338 -24.78 35.17 28.85
CA GLU E 338 -24.57 34.15 29.88
C GLU E 338 -25.89 33.54 30.32
N ARG E 339 -25.86 32.24 30.60
CA ARG E 339 -26.99 31.52 31.16
C ARG E 339 -26.54 30.78 32.41
N THR E 340 -27.19 31.04 33.54
CA THR E 340 -26.77 30.52 34.83
C THR E 340 -27.72 29.42 35.27
N ILE E 341 -27.16 28.28 35.67
CA ILE E 341 -27.92 27.13 36.14
C ILE E 341 -27.50 26.81 37.57
N SER E 342 -28.48 26.73 38.47
CA SER E 342 -28.23 26.35 39.85
C SER E 342 -29.46 25.65 40.40
N LYS E 343 -29.24 24.84 41.44
CA LYS E 343 -30.35 24.14 42.08
C LYS E 343 -31.15 25.03 43.02
N SER E 344 -30.61 26.17 43.43
CA SER E 344 -31.31 27.08 44.33
C SER E 344 -32.10 28.11 43.55
N LEU F 24 29.32 -27.07 14.55
CA LEU F 24 30.26 -27.44 15.60
C LEU F 24 31.05 -28.69 15.19
N CYS F 25 32.13 -28.48 14.46
CA CYS F 25 32.93 -29.60 13.97
C CYS F 25 33.76 -30.23 15.09
N TYR F 26 34.15 -29.43 16.08
CA TYR F 26 35.16 -29.86 17.06
C TYR F 26 34.63 -30.90 18.04
N ILE F 27 33.36 -30.83 18.43
CA ILE F 27 32.83 -31.85 19.33
C ILE F 27 32.65 -33.19 18.61
N LEU F 28 32.37 -33.14 17.30
CA LEU F 28 32.32 -34.37 16.51
C LEU F 28 33.70 -34.98 16.35
N ASP F 29 34.71 -34.13 16.15
CA ASP F 29 36.09 -34.60 16.10
C ASP F 29 36.53 -35.20 17.43
N ALA F 30 36.07 -34.61 18.54
CA ALA F 30 36.40 -35.12 19.86
C ALA F 30 35.79 -36.50 20.11
N ILE F 31 34.49 -36.66 19.79
CA ILE F 31 33.85 -37.94 20.07
C ILE F 31 34.36 -39.02 19.10
N LEU F 32 34.69 -38.64 17.86
CA LEU F 32 35.25 -39.63 16.93
C LEU F 32 36.69 -39.98 17.29
N PHE F 33 37.45 -39.05 17.86
CA PHE F 33 38.78 -39.37 18.36
C PHE F 33 38.72 -40.30 19.56
N LEU F 34 37.74 -40.09 20.46
CA LEU F 34 37.53 -41.01 21.57
C LEU F 34 37.12 -42.40 21.07
N TYR F 35 36.28 -42.45 20.03
CA TYR F 35 35.90 -43.71 19.39
C TYR F 35 37.11 -44.42 18.80
N GLY F 36 37.99 -43.67 18.12
CA GLY F 36 39.20 -44.26 17.58
C GLY F 36 40.15 -44.76 18.65
N ILE F 37 40.24 -44.05 19.78
CA ILE F 37 41.10 -44.46 20.87
C ILE F 37 40.60 -45.76 21.50
N VAL F 38 39.29 -45.85 21.77
CA VAL F 38 38.76 -47.06 22.41
C VAL F 38 38.79 -48.25 21.45
N LEU F 39 38.60 -47.99 20.14
CA LEU F 39 38.65 -49.10 19.19
C LEU F 39 40.07 -49.56 18.93
N THR F 40 41.06 -48.65 18.94
CA THR F 40 42.44 -49.10 18.80
C THR F 40 42.99 -49.69 20.11
N LEU F 41 42.33 -49.46 21.24
CA LEU F 41 42.66 -50.23 22.44
C LEU F 41 42.10 -51.65 22.36
N LEU F 42 40.84 -51.78 21.92
CA LEU F 42 40.22 -53.09 21.81
C LEU F 42 40.87 -53.94 20.73
N TYR F 43 41.34 -53.31 19.64
CA TYR F 43 42.06 -54.04 18.62
C TYR F 43 43.38 -54.58 19.15
N CYS F 44 44.08 -53.79 19.97
CA CYS F 44 45.33 -54.28 20.56
C CYS F 44 45.09 -55.41 21.55
N ARG F 45 43.99 -55.34 22.32
CA ARG F 45 43.63 -56.42 23.23
C ARG F 45 43.33 -57.72 22.46
N LEU F 46 42.52 -57.62 21.40
CA LEU F 46 42.23 -58.80 20.58
C LEU F 46 43.45 -59.31 19.84
N LYS F 47 44.35 -58.40 19.43
CA LYS F 47 45.57 -58.79 18.74
C LYS F 47 46.50 -59.56 19.67
N ILE F 48 46.67 -59.09 20.91
CA ILE F 48 47.55 -59.82 21.82
C ILE F 48 46.91 -61.14 22.27
N GLN F 49 45.57 -61.21 22.31
CA GLN F 49 44.91 -62.49 22.59
C GLN F 49 45.10 -63.48 21.45
N VAL F 50 44.97 -63.02 20.21
CA VAL F 50 45.21 -63.88 19.04
C VAL F 50 46.68 -64.29 18.97
N ARG F 51 47.59 -63.39 19.38
CA ARG F 51 49.03 -63.71 19.41
C ARG F 51 49.33 -64.80 20.42
N LYS F 52 48.83 -64.67 21.65
CA LYS F 52 49.09 -65.68 22.66
C LYS F 52 48.30 -66.97 22.42
N ALA F 53 47.26 -66.93 21.59
CA ALA F 53 46.58 -68.17 21.23
C ALA F 53 47.31 -68.91 20.10
N ASP F 54 47.69 -68.20 19.04
CA ASP F 54 48.26 -68.84 17.86
C ASP F 54 49.75 -69.14 18.01
N ILE F 55 50.46 -68.40 18.87
CA ILE F 55 51.89 -68.66 19.08
C ILE F 55 52.10 -69.99 19.78
N ALA F 56 51.25 -70.29 20.78
CA ALA F 56 51.31 -71.55 21.50
C ALA F 56 50.38 -72.60 20.91
N SER F 57 50.14 -72.55 19.59
CA SER F 57 49.27 -73.47 18.83
C SER F 57 47.85 -73.54 19.37
#